data_8SXT
#
_entry.id   8SXT
#
_cell.length_a   1.00
_cell.length_b   1.00
_cell.length_c   1.00
_cell.angle_alpha   90.00
_cell.angle_beta   90.00
_cell.angle_gamma   90.00
#
_symmetry.space_group_name_H-M   'P 1'
#
loop_
_entity.id
_entity.type
_entity.pdbx_description
1 polymer 'DNA primer'
2 polymer 'RNA template'
3 polymer 'LINE-1 retrotransposable element ORF2 protein'
4 non-polymer "THYMIDINE-5'-TRIPHOSPHATE"
5 non-polymer 'MAGNESIUM ION'
#
loop_
_entity_poly.entity_id
_entity_poly.type
_entity_poly.pdbx_seq_one_letter_code
_entity_poly.pdbx_strand_id
1 'polydeoxyribonucleotide' (DG)(DC)(DG)(DA)(DA)(DA)(DA)(DT)(DT)(DT)(DC)(DG)(DC) B
2 'polyribonucleotide' GUGAGCGAAAUUUUCGC C
3 'polypeptide(L)'
;MTGSNSHITILTLNVNGLNSPIKRHRLASWIKSQDPSVCCIQETHLTCRDTHRLKIKGWRKIYQANGKQKKAGVAILVSD
KTDFKPTKIKRDKEGHYIMVKGSIQQEELTILNIYAPNTGAPRFIKQVLSDLQRDLDSHTLIMGDFNTPLSILDRSTRQK
VNKDTQELNSALHQTDLIDIYRTLHPKSTEYTFFSAPHHTYSKIDHIVGSKALLSKCKRTEIITNYLSDHSAIKLELRIK
NLTQSRSTTWKLNNLLLNDYWVHNEMKAEIKMFFETNENKDTTYQNLWDAFKAVCRGKFIALNAYKRKQERSKIDTLTSQ
LKELEKQEQTHSKASRRQEITKIRAELKEIETQKTLQKINESRSWFFERINKIDRPLARLIKKKREKNQIDTIKNDKGDI
TTDPTEIQTTIREYYKHLYANKLENLEEMDTFLDTYTLPRLNQEEVESLNRPITGSEIVAIINSLPTKKSPGPDGFTAEF
YQRYKEELVPFLLKLFQSIEKEGILPNSFYEASIILIPKPGRDTTKKENFRPISLMNIDAKILNKILANRIQQHIKKLIH
HDQVGFIPGMQGWFNIRKSINVIQHINRAKDKNHVIISIDAEKAFDKIQQPFMLKTLNKLGIDGMYLKIIRAIYDKPTAN
IILNGQKLEAFPLKTGTRQGCPLSPLLFNIVLEVLARAIRQEKEIKGIQLGKEEVKLSLFADDMIVYLENPIVSAQNLLK
LISNFSKVSGYKINVQKSQAFLYNNNRQTESQIMGELPFTIASKRIKYLGIQLTRDVKDLFKENYKPLLKEIKEDTNKWK
NIPCSWVGRINIVKMAILPKVIYRFNAIPIKLPMTFFTELEKTTLKFIWNQKRARIAKSILSQKNKAGGITLPDFKLYYK
ATVTKTAWYWYQNRDIDQWNRTEPSEIMPHIYNYLIFDKPEKNKQWGKDSLLNKWCWENWLAICRKLKLDPFLTPYTKIN
SRWIKDLNVKPKTIKTLEENLGITIQDIGVGKDFMSKTPKAMATKDKIDKWDLIKLKSFCTAKETTIRVNRQPTTWEKIF
ATYSSDKGLISRIYNELKQIYKKKTNNPIKKWAKDMNRHFSKEDIYAAKKHMKKCSSSLAIREMQIKTTMRYHLTPVRMA
IIKKSGNNRCWRGCGEIGTLVHCWWDCKLVQPLWKSVWRFLRDLELEIPFDPAIPLLGIYPKDYKSCCYKDTCTRMFIAA
LFTIAKTWNQPNCPTMIDWIKKMWHIYTMEYYAAIKNDEFISFVGTWMKLETIILSKLSQEQKTKHRIFSLIGGN
;
A
#
loop_
_chem_comp.id
_chem_comp.type
_chem_comp.name
_chem_comp.formula
A RNA linking ADENOSINE-5'-MONOPHOSPHATE 'C10 H14 N5 O7 P'
C RNA linking CYTIDINE-5'-MONOPHOSPHATE 'C9 H14 N3 O8 P'
DA DNA linking 2'-DEOXYADENOSINE-5'-MONOPHOSPHATE 'C10 H14 N5 O6 P'
DC DNA linking 2'-DEOXYCYTIDINE-5'-MONOPHOSPHATE 'C9 H14 N3 O7 P'
DG DNA linking 2'-DEOXYGUANOSINE-5'-MONOPHOSPHATE 'C10 H14 N5 O7 P'
DT DNA linking THYMIDINE-5'-MONOPHOSPHATE 'C10 H15 N2 O8 P'
G RNA linking GUANOSINE-5'-MONOPHOSPHATE 'C10 H14 N5 O8 P'
MG non-polymer 'MAGNESIUM ION' 'Mg 2'
TTP non-polymer THYMIDINE-5'-TRIPHOSPHATE 'C10 H17 N2 O14 P3'
U RNA linking URIDINE-5'-MONOPHOSPHATE 'C9 H13 N2 O9 P'
#
# COMPACT_ATOMS: atom_id res chain seq x y z
N ASN C 254 29.59 -10.09 9.30
CA ASN C 254 29.10 -10.92 8.20
C ASN C 254 30.26 -11.73 7.58
N LEU C 255 31.47 -11.20 7.69
CA LEU C 255 32.63 -11.89 7.15
C LEU C 255 32.92 -13.19 7.91
N LEU C 256 32.68 -13.19 9.22
CA LEU C 256 32.94 -14.38 10.02
C LEU C 256 32.03 -15.53 9.60
N LEU C 257 30.76 -15.22 9.30
CA LEU C 257 29.81 -16.25 8.90
C LEU C 257 30.19 -16.90 7.58
N ASN C 258 31.01 -16.24 6.75
CA ASN C 258 31.42 -16.77 5.46
C ASN C 258 32.65 -17.66 5.54
N ASP C 259 32.96 -18.20 6.71
CA ASP C 259 34.10 -19.09 6.90
C ASP C 259 33.60 -20.54 6.95
N TYR C 260 34.14 -21.37 6.05
CA TYR C 260 33.71 -22.77 5.99
C TYR C 260 34.06 -23.53 7.27
N TRP C 261 35.28 -23.30 7.80
CA TRP C 261 35.66 -23.96 9.04
C TRP C 261 34.78 -23.50 10.21
N VAL C 262 34.52 -22.20 10.30
CA VAL C 262 33.63 -21.68 11.34
C VAL C 262 32.22 -22.24 11.13
N HIS C 263 31.80 -22.35 9.87
CA HIS C 263 30.49 -22.93 9.57
C HIS C 263 30.38 -24.35 10.11
N ASN C 264 31.35 -25.21 9.79
CA ASN C 264 31.30 -26.59 10.26
C ASN C 264 31.41 -26.67 11.78
N GLU C 265 32.28 -25.84 12.38
CA GLU C 265 32.44 -25.85 13.82
C GLU C 265 31.14 -25.48 14.52
N MET C 266 30.45 -24.46 14.02
CA MET C 266 29.19 -24.05 14.62
C MET C 266 28.11 -25.10 14.41
N LYS C 267 28.11 -25.76 13.25
CA LYS C 267 27.16 -26.84 13.02
C LYS C 267 27.35 -27.95 14.05
N ALA C 268 28.60 -28.39 14.24
CA ALA C 268 28.88 -29.44 15.21
C ALA C 268 28.52 -29.01 16.62
N GLU C 269 28.84 -27.75 16.96
CA GLU C 269 28.52 -27.25 18.29
C GLU C 269 27.02 -27.22 18.54
N ILE C 270 26.24 -26.79 17.54
CA ILE C 270 24.79 -26.77 17.71
C ILE C 270 24.25 -28.17 17.87
N LYS C 271 24.71 -29.12 17.05
CA LYS C 271 24.24 -30.49 17.18
C LYS C 271 24.57 -31.07 18.54
N MET C 272 25.81 -30.87 18.99
CA MET C 272 26.22 -31.36 20.30
C MET C 272 25.32 -30.74 21.37
N PHE C 273 25.30 -29.41 21.41
CA PHE C 273 24.50 -28.66 22.37
C PHE C 273 23.05 -29.14 22.46
N PHE C 274 22.43 -29.42 21.31
CA PHE C 274 21.06 -29.88 21.29
C PHE C 274 20.93 -31.31 21.81
N GLU C 275 21.86 -32.18 21.43
CA GLU C 275 21.83 -33.56 21.94
C GLU C 275 22.69 -33.73 23.19
N THR C 276 22.51 -32.85 24.17
CA THR C 276 23.22 -33.00 25.44
C THR C 276 22.32 -32.89 26.67
N ASN C 277 21.34 -31.99 26.65
CA ASN C 277 20.58 -31.66 27.85
C ASN C 277 19.09 -31.56 27.53
N GLU C 278 18.56 -32.52 26.78
CA GLU C 278 17.14 -32.58 26.48
C GLU C 278 16.42 -33.28 27.64
N ASN C 279 16.43 -32.61 28.79
CA ASN C 279 15.82 -33.14 30.00
C ASN C 279 14.36 -32.68 30.09
N LYS C 280 13.73 -32.92 31.24
CA LYS C 280 12.34 -32.54 31.44
C LYS C 280 12.15 -31.48 32.52
N ASP C 281 13.22 -31.08 33.21
CA ASP C 281 13.08 -30.07 34.26
C ASP C 281 12.80 -28.69 33.67
N THR C 282 13.47 -28.35 32.58
CA THR C 282 13.32 -27.04 31.95
C THR C 282 12.44 -27.14 30.71
N THR C 283 12.18 -25.99 30.10
CA THR C 283 11.35 -25.88 28.90
C THR C 283 12.21 -25.47 27.71
N TYR C 284 11.57 -25.35 26.55
CA TYR C 284 12.29 -25.03 25.33
C TYR C 284 12.72 -23.56 25.31
N GLN C 285 12.01 -22.68 26.01
CA GLN C 285 12.33 -21.26 25.99
C GLN C 285 13.67 -20.98 26.68
N ASN C 286 13.85 -21.53 27.88
CA ASN C 286 15.11 -21.36 28.59
C ASN C 286 16.25 -22.02 27.83
N LEU C 287 15.99 -23.18 27.22
CA LEU C 287 17.01 -23.84 26.42
C LEU C 287 17.41 -22.97 25.23
N TRP C 288 16.44 -22.33 24.58
CA TRP C 288 16.75 -21.45 23.46
C TRP C 288 17.55 -20.23 23.92
N ASP C 289 17.21 -19.68 25.09
CA ASP C 289 17.98 -18.55 25.61
C ASP C 289 19.42 -18.95 25.91
N ALA C 290 19.62 -20.12 26.51
CA ALA C 290 20.97 -20.61 26.76
C ALA C 290 21.70 -20.87 25.44
N PHE C 291 20.98 -21.38 24.44
CA PHE C 291 21.52 -21.55 23.10
C PHE C 291 22.05 -20.23 22.55
N LYS C 292 21.25 -19.18 22.66
CA LYS C 292 21.66 -17.87 22.15
C LYS C 292 22.88 -17.35 22.91
N ALA C 293 22.90 -17.50 24.24
CA ALA C 293 24.05 -17.04 25.02
C ALA C 293 25.32 -17.79 24.64
N VAL C 294 25.22 -19.12 24.49
CA VAL C 294 26.37 -19.92 24.12
C VAL C 294 26.87 -19.54 22.75
N CYS C 295 25.95 -19.31 21.80
CA CYS C 295 26.35 -18.88 20.47
C CYS C 295 27.03 -17.52 20.49
N ARG C 296 26.53 -16.59 21.30
CA ARG C 296 27.19 -15.29 21.42
C ARG C 296 28.61 -15.44 21.95
N GLY C 297 28.79 -16.24 23.00
CA GLY C 297 30.12 -16.45 23.55
C GLY C 297 31.05 -17.11 22.56
N LYS C 298 30.56 -18.13 21.85
CA LYS C 298 31.39 -18.81 20.86
C LYS C 298 31.76 -17.89 19.71
N PHE C 299 30.82 -17.03 19.29
CA PHE C 299 31.12 -16.08 18.23
C PHE C 299 32.17 -15.07 18.67
N ILE C 300 32.09 -14.60 19.92
CA ILE C 300 33.11 -13.69 20.44
C ILE C 300 34.47 -14.39 20.44
N ALA C 301 34.51 -15.63 20.91
CA ALA C 301 35.78 -16.38 20.94
C ALA C 301 36.34 -16.58 19.53
N LEU C 302 35.47 -16.92 18.57
CA LEU C 302 35.91 -17.13 17.21
C LEU C 302 36.42 -15.84 16.58
N ASN C 303 35.76 -14.71 16.86
CA ASN C 303 36.23 -13.43 16.36
C ASN C 303 37.60 -13.10 16.96
N ALA C 304 37.79 -13.36 18.25
CA ALA C 304 39.10 -13.13 18.85
C ALA C 304 40.17 -14.00 18.22
N TYR C 305 39.86 -15.28 17.98
CA TYR C 305 40.82 -16.17 17.35
C TYR C 305 41.15 -15.72 15.93
N LYS C 306 40.14 -15.30 15.18
CA LYS C 306 40.37 -14.84 13.81
C LYS C 306 41.23 -13.57 13.80
N ARG C 307 40.97 -12.65 14.73
CA ARG C 307 41.78 -11.44 14.82
C ARG C 307 43.21 -11.77 15.19
N LYS C 308 43.41 -12.75 16.10
CA LYS C 308 44.75 -13.18 16.44
C LYS C 308 45.46 -13.79 15.23
N GLN C 309 44.76 -14.61 14.47
CA GLN C 309 45.36 -15.23 13.28
C GLN C 309 45.71 -14.19 12.23
N GLU C 310 44.84 -13.21 12.02
CA GLU C 310 45.08 -12.17 11.03
C GLU C 310 46.04 -11.10 11.57
N ILE C 393 19.62 19.68 23.10
CA ILE C 393 18.19 19.55 23.29
C ILE C 393 17.71 20.53 24.36
N LYS C 394 16.41 20.77 24.40
CA LYS C 394 15.80 21.68 25.36
C LYS C 394 15.15 20.88 26.47
N ASN C 395 15.38 21.30 27.72
CA ASN C 395 14.85 20.59 28.88
C ASN C 395 13.37 20.96 29.06
N ASP C 396 12.81 20.55 30.20
CA ASP C 396 11.40 20.85 30.47
C ASP C 396 11.15 22.34 30.62
N LYS C 397 12.16 23.09 31.09
CA LYS C 397 12.03 24.53 31.26
C LYS C 397 12.29 25.30 29.97
N GLY C 398 12.66 24.63 28.89
CA GLY C 398 12.93 25.27 27.62
C GLY C 398 14.35 25.73 27.43
N ASP C 399 15.21 25.62 28.45
CA ASP C 399 16.59 26.03 28.31
C ASP C 399 17.37 25.02 27.47
N ILE C 400 18.29 25.53 26.67
CA ILE C 400 19.14 24.68 25.83
C ILE C 400 20.30 24.19 26.71
N THR C 401 20.31 22.90 27.00
CA THR C 401 21.32 22.29 27.86
C THR C 401 22.17 21.31 27.08
N THR C 402 23.45 21.26 27.43
CA THR C 402 24.41 20.37 26.79
C THR C 402 25.03 19.37 27.75
N ASP C 403 24.48 19.23 28.95
CA ASP C 403 25.02 18.29 29.92
C ASP C 403 24.74 16.87 29.47
N PRO C 404 25.77 16.01 29.36
CA PRO C 404 25.51 14.63 28.90
C PRO C 404 24.55 13.86 29.80
N THR C 405 24.59 14.09 31.10
CA THR C 405 23.69 13.38 32.00
C THR C 405 22.28 13.94 31.98
N GLU C 406 22.14 15.27 31.85
CA GLU C 406 20.82 15.88 31.90
C GLU C 406 19.96 15.48 30.69
N ILE C 407 20.56 15.44 29.50
CA ILE C 407 19.82 15.06 28.31
C ILE C 407 19.32 13.63 28.42
N GLN C 408 20.16 12.72 28.93
CA GLN C 408 19.72 11.34 29.13
C GLN C 408 18.55 11.26 30.09
N THR C 409 18.59 12.04 31.17
CA THR C 409 17.52 12.02 32.16
C THR C 409 16.23 12.62 31.63
N THR C 410 16.28 13.63 30.76
CA THR C 410 15.05 14.21 30.24
C THR C 410 14.45 13.42 29.09
N ILE C 411 15.26 12.90 28.16
CA ILE C 411 14.68 12.11 27.07
C ILE C 411 14.10 10.81 27.62
N ARG C 412 14.78 10.20 28.59
CA ARG C 412 14.27 8.99 29.21
C ARG C 412 12.96 9.25 29.93
N GLU C 413 12.87 10.37 30.66
CA GLU C 413 11.63 10.71 31.34
C GLU C 413 10.50 10.95 30.34
N TYR C 414 10.78 11.66 29.24
CA TYR C 414 9.75 11.89 28.24
C TYR C 414 9.26 10.59 27.63
N TYR C 415 10.18 9.69 27.28
CA TYR C 415 9.79 8.43 26.65
C TYR C 415 9.07 7.52 27.64
N LYS C 416 9.51 7.52 28.90
CA LYS C 416 8.83 6.74 29.92
C LYS C 416 7.41 7.22 30.15
N HIS C 417 7.22 8.53 30.22
CA HIS C 417 5.86 9.07 30.33
C HIS C 417 5.04 8.77 29.08
N LEU C 418 5.69 8.71 27.93
CA LEU C 418 4.99 8.36 26.70
C LEU C 418 4.47 6.92 26.76
N TYR C 419 5.27 6.01 27.29
CA TYR C 419 4.95 4.57 27.32
C TYR C 419 4.51 4.09 28.69
N ALA C 420 3.78 4.91 29.44
CA ALA C 420 3.34 4.53 30.78
C ALA C 420 1.82 4.44 30.92
N ASN C 421 1.09 5.40 30.37
CA ASN C 421 -0.36 5.47 30.56
C ASN C 421 -1.01 4.28 29.88
N LYS C 422 -1.59 3.39 30.68
CA LYS C 422 -2.32 2.22 30.18
C LYS C 422 -3.76 2.30 30.68
N LEU C 423 -4.71 2.20 29.76
CA LEU C 423 -6.11 2.29 30.13
C LEU C 423 -6.53 1.05 30.93
N GLU C 424 -7.54 1.23 31.78
CA GLU C 424 -8.00 0.16 32.66
C GLU C 424 -9.51 0.00 32.68
N ASN C 425 -10.26 0.87 32.02
CA ASN C 425 -11.73 0.78 32.01
C ASN C 425 -12.17 -0.24 30.96
N LEU C 426 -11.87 -1.51 31.27
CA LEU C 426 -12.20 -2.58 30.34
C LEU C 426 -13.71 -2.71 30.14
N GLU C 427 -14.50 -2.35 31.15
CA GLU C 427 -15.95 -2.39 31.00
C GLU C 427 -16.43 -1.39 29.96
N GLU C 428 -15.85 -0.18 29.96
CA GLU C 428 -16.27 0.84 29.00
C GLU C 428 -15.83 0.50 27.58
N MET C 429 -14.77 -0.29 27.44
CA MET C 429 -14.26 -0.63 26.11
C MET C 429 -15.28 -1.42 25.31
N ASP C 430 -15.94 -2.39 25.95
CA ASP C 430 -16.90 -3.23 25.25
C ASP C 430 -18.17 -2.49 24.86
N THR C 431 -18.52 -1.43 25.60
CA THR C 431 -19.72 -0.66 25.24
C THR C 431 -19.56 -0.02 23.88
N PHE C 432 -18.36 0.48 23.57
CA PHE C 432 -18.11 1.06 22.25
C PHE C 432 -18.24 0.00 21.16
N LEU C 433 -17.69 -1.19 21.40
CA LEU C 433 -17.69 -2.23 20.37
C LEU C 433 -19.10 -2.77 20.13
N ASP C 434 -19.90 -2.89 21.18
CA ASP C 434 -21.23 -3.49 21.03
C ASP C 434 -22.20 -2.59 20.28
N THR C 435 -21.88 -1.31 20.10
CA THR C 435 -22.80 -0.40 19.44
C THR C 435 -22.65 -0.38 17.92
N TYR C 436 -21.63 -1.05 17.38
CA TYR C 436 -21.36 -1.02 15.94
C TYR C 436 -21.15 -2.43 15.41
N THR C 437 -21.26 -2.55 14.10
CA THR C 437 -21.15 -3.83 13.40
C THR C 437 -19.72 -4.04 12.90
N LEU C 438 -19.22 -5.25 13.11
CA LEU C 438 -17.88 -5.62 12.68
C LEU C 438 -17.93 -6.91 11.88
N PRO C 439 -17.01 -7.10 10.93
CA PRO C 439 -17.05 -8.29 10.06
C PRO C 439 -16.43 -9.49 10.75
N ARG C 440 -17.25 -10.51 11.01
CA ARG C 440 -16.77 -11.73 11.64
C ARG C 440 -16.17 -12.66 10.59
N LEU C 441 -15.46 -13.67 11.08
CA LEU C 441 -14.83 -14.67 10.22
C LEU C 441 -15.55 -16.00 10.39
N ASN C 442 -15.73 -16.72 9.28
CA ASN C 442 -16.40 -18.00 9.33
C ASN C 442 -15.46 -19.08 9.88
N GLN C 443 -16.01 -20.30 10.03
CA GLN C 443 -15.24 -21.38 10.63
C GLN C 443 -14.02 -21.75 9.80
N GLU C 444 -14.13 -21.70 8.48
CA GLU C 444 -13.00 -22.06 7.62
C GLU C 444 -11.83 -21.10 7.83
N GLU C 445 -12.11 -19.80 7.95
CA GLU C 445 -11.04 -18.82 8.11
C GLU C 445 -10.28 -19.02 9.41
N VAL C 446 -11.01 -19.19 10.53
CA VAL C 446 -10.33 -19.38 11.81
C VAL C 446 -9.62 -20.72 11.83
N GLU C 447 -10.19 -21.74 11.18
CA GLU C 447 -9.50 -23.02 11.07
C GLU C 447 -8.19 -22.88 10.32
N SER C 448 -8.19 -22.12 9.22
CA SER C 448 -6.95 -21.84 8.52
C SER C 448 -6.03 -20.91 9.31
N LEU C 449 -6.58 -20.22 10.31
CA LEU C 449 -5.78 -19.37 11.19
C LEU C 449 -5.13 -20.13 12.33
N ASN C 450 -5.71 -21.27 12.73
CA ASN C 450 -5.22 -22.01 13.88
C ASN C 450 -4.50 -23.30 13.49
N ARG C 451 -4.20 -23.50 12.21
CA ARG C 451 -3.45 -24.68 11.81
C ARG C 451 -2.05 -24.62 12.41
N PRO C 452 -1.49 -25.75 12.82
CA PRO C 452 -0.15 -25.73 13.42
C PRO C 452 0.92 -25.29 12.42
N ILE C 453 1.95 -24.62 12.93
CA ILE C 453 3.06 -24.24 12.08
C ILE C 453 3.81 -25.48 11.63
N THR C 454 4.08 -25.56 10.34
CA THR C 454 4.76 -26.70 9.75
C THR C 454 6.14 -26.29 9.26
N GLY C 455 6.92 -27.29 8.84
CA GLY C 455 8.26 -27.03 8.37
C GLY C 455 8.31 -26.25 7.06
N SER C 456 7.25 -26.29 6.28
CA SER C 456 7.21 -25.55 5.01
C SER C 456 6.76 -24.11 5.17
N GLU C 457 6.28 -23.72 6.35
CA GLU C 457 5.91 -22.33 6.61
C GLU C 457 7.07 -21.49 7.12
N ILE C 458 8.21 -22.10 7.40
CA ILE C 458 9.39 -21.38 7.83
C ILE C 458 10.43 -21.24 6.72
N VAL C 459 10.47 -22.19 5.77
CA VAL C 459 11.40 -22.08 4.65
C VAL C 459 11.06 -20.89 3.78
N ALA C 460 9.77 -20.60 3.62
CA ALA C 460 9.33 -19.46 2.84
C ALA C 460 9.54 -18.13 3.55
N ILE C 461 9.86 -18.15 4.84
CA ILE C 461 10.08 -16.93 5.61
C ILE C 461 11.56 -16.64 5.78
N ILE C 462 12.35 -17.66 6.12
CA ILE C 462 13.78 -17.47 6.32
C ILE C 462 14.45 -17.06 5.02
N ASN C 463 14.09 -17.73 3.92
CA ASN C 463 14.66 -17.38 2.62
C ASN C 463 14.25 -15.97 2.18
N SER C 464 12.99 -15.60 2.45
CA SER C 464 12.48 -14.29 2.07
C SER C 464 12.90 -13.19 3.02
N LEU C 465 13.78 -13.47 3.96
CA LEU C 465 14.22 -12.46 4.92
C LEU C 465 15.24 -11.53 4.26
N PRO C 466 15.02 -10.21 4.32
CA PRO C 466 15.99 -9.28 3.73
C PRO C 466 17.33 -9.36 4.45
N THR C 467 18.40 -9.11 3.70
CA THR C 467 19.76 -9.19 4.20
C THR C 467 20.39 -7.80 4.22
N LYS C 468 21.64 -7.75 4.69
CA LYS C 468 22.40 -6.50 4.78
C LYS C 468 21.68 -5.47 5.64
N LYS C 469 21.13 -5.92 6.76
CA LYS C 469 20.44 -5.05 7.71
C LYS C 469 21.21 -4.98 9.02
N SER C 470 20.65 -4.26 9.98
CA SER C 470 21.33 -4.10 11.26
C SER C 470 20.97 -5.23 12.21
N PRO C 471 21.92 -5.68 13.04
CA PRO C 471 21.63 -6.76 13.99
C PRO C 471 20.69 -6.29 15.08
N GLY C 472 20.00 -7.25 15.68
CA GLY C 472 19.07 -6.98 16.75
C GLY C 472 19.77 -6.79 18.08
N PRO C 473 18.99 -6.67 19.16
CA PRO C 473 19.61 -6.49 20.48
C PRO C 473 20.54 -7.61 20.88
N ASP C 474 20.24 -8.85 20.50
CA ASP C 474 21.12 -9.97 20.82
C ASP C 474 22.45 -9.84 20.10
N GLY C 475 22.42 -9.42 18.84
CA GLY C 475 23.61 -9.34 18.01
C GLY C 475 23.62 -10.26 16.82
N PHE C 476 22.61 -11.12 16.66
CA PHE C 476 22.55 -12.02 15.52
C PHE C 476 22.03 -11.30 14.29
N THR C 477 22.37 -11.83 13.12
CA THR C 477 21.96 -11.26 11.85
C THR C 477 21.01 -12.22 11.12
N ALA C 478 20.26 -11.66 10.17
CA ALA C 478 19.33 -12.49 9.40
C ALA C 478 20.06 -13.53 8.57
N GLU C 479 21.20 -13.17 7.99
CA GLU C 479 21.95 -14.12 7.18
C GLU C 479 22.49 -15.28 8.00
N PHE C 480 22.66 -15.10 9.32
CA PHE C 480 23.07 -16.21 10.17
C PHE C 480 22.01 -17.31 10.17
N TYR C 481 20.74 -16.92 10.32
CA TYR C 481 19.67 -17.90 10.18
C TYR C 481 19.55 -18.39 8.74
N GLN C 482 19.78 -17.51 7.77
CA GLN C 482 19.61 -17.89 6.37
C GLN C 482 20.58 -19.00 5.97
N ARG C 483 21.85 -18.89 6.36
CA ARG C 483 22.85 -19.85 5.92
C ARG C 483 23.09 -20.97 6.91
N TYR C 484 22.40 -20.99 8.04
CA TYR C 484 22.39 -22.12 8.96
C TYR C 484 21.01 -22.78 8.96
N LYS C 485 20.39 -22.86 7.79
CA LYS C 485 19.00 -23.25 7.64
C LYS C 485 18.79 -24.76 7.74
N GLU C 486 19.79 -25.56 7.41
CA GLU C 486 19.56 -27.00 7.27
C GLU C 486 19.27 -27.67 8.60
N GLU C 487 19.64 -27.06 9.73
CA GLU C 487 19.43 -27.68 11.02
C GLU C 487 18.55 -26.88 11.97
N LEU C 488 18.35 -25.58 11.71
CA LEU C 488 17.62 -24.75 12.65
C LEU C 488 16.12 -24.96 12.54
N VAL C 489 15.63 -25.20 11.33
CA VAL C 489 14.18 -25.31 11.08
C VAL C 489 13.51 -26.40 11.90
N PRO C 490 14.01 -27.65 11.95
CA PRO C 490 13.24 -28.71 12.64
C PRO C 490 13.41 -28.72 14.15
N PHE C 491 14.18 -27.81 14.73
CA PHE C 491 14.14 -27.55 16.17
C PHE C 491 13.42 -26.25 16.50
N LEU C 492 13.53 -25.24 15.62
CA LEU C 492 12.66 -24.08 15.75
C LEU C 492 11.20 -24.48 15.64
N LEU C 493 10.92 -25.53 14.86
CA LEU C 493 9.56 -26.08 14.79
C LEU C 493 9.09 -26.56 16.14
N LYS C 494 9.92 -27.30 16.87
CA LYS C 494 9.55 -27.74 18.21
C LYS C 494 9.43 -26.58 19.17
N LEU C 495 10.29 -25.56 19.00
CA LEU C 495 10.21 -24.38 19.85
C LEU C 495 8.86 -23.68 19.67
N PHE C 496 8.43 -23.50 18.42
CA PHE C 496 7.11 -22.93 18.17
C PHE C 496 5.98 -23.85 18.61
N GLN C 497 6.17 -25.17 18.52
CA GLN C 497 5.19 -26.11 19.03
C GLN C 497 4.97 -25.87 20.53
N SER C 498 6.07 -25.67 21.27
CA SER C 498 5.97 -25.36 22.69
C SER C 498 5.22 -24.04 22.91
N ILE C 499 5.47 -23.04 22.06
CA ILE C 499 4.81 -21.75 22.23
C ILE C 499 3.31 -21.87 22.03
N GLU C 500 2.88 -22.60 21.00
CA GLU C 500 1.44 -22.81 20.83
C GLU C 500 0.85 -23.63 21.97
N LYS C 501 1.53 -24.71 22.38
CA LYS C 501 0.94 -25.62 23.36
C LYS C 501 0.81 -24.95 24.72
N GLU C 502 1.91 -24.43 25.26
CA GLU C 502 1.88 -23.83 26.58
C GLU C 502 1.25 -22.45 26.55
N GLY C 503 1.80 -21.54 25.73
CA GLY C 503 1.30 -20.20 25.63
C GLY C 503 2.22 -19.11 26.14
N ILE C 504 3.51 -19.39 26.31
CA ILE C 504 4.48 -18.42 26.79
C ILE C 504 5.64 -18.35 25.82
N LEU C 505 6.35 -17.23 25.86
CA LEU C 505 7.48 -16.94 24.98
C LEU C 505 8.75 -16.83 25.80
N PRO C 506 9.92 -17.03 25.18
CA PRO C 506 11.17 -16.84 25.91
C PRO C 506 11.33 -15.40 26.38
N ASN C 507 12.00 -15.23 27.51
CA ASN C 507 12.21 -13.90 28.07
C ASN C 507 13.09 -13.04 27.17
N SER C 508 13.84 -13.64 26.25
CA SER C 508 14.64 -12.87 25.30
C SER C 508 13.83 -12.34 24.13
N PHE C 509 12.60 -12.81 23.93
CA PHE C 509 11.77 -12.34 22.84
C PHE C 509 11.20 -10.95 23.08
N TYR C 510 11.33 -10.41 24.29
CA TYR C 510 10.75 -9.13 24.62
C TYR C 510 11.72 -7.96 24.50
N GLU C 511 13.02 -8.23 24.50
CA GLU C 511 14.01 -7.15 24.45
C GLU C 511 13.94 -6.41 23.12
N ALA C 512 14.15 -5.09 23.19
CA ALA C 512 14.15 -4.25 21.99
C ALA C 512 15.13 -3.11 22.20
N SER C 513 15.56 -2.52 21.10
CA SER C 513 16.52 -1.42 21.11
C SER C 513 15.91 -0.23 20.37
N ILE C 514 15.89 0.93 21.01
CA ILE C 514 15.32 2.14 20.45
C ILE C 514 16.45 3.11 20.13
N ILE C 515 16.47 3.62 18.90
CA ILE C 515 17.49 4.55 18.43
C ILE C 515 16.80 5.84 18.01
N LEU C 516 17.44 6.98 18.34
CA LEU C 516 16.87 8.29 18.07
C LEU C 516 17.33 8.78 16.70
N ILE C 517 16.39 9.24 15.89
CA ILE C 517 16.69 9.81 14.58
C ILE C 517 15.81 11.04 14.37
N PRO C 518 16.45 12.12 13.86
CA PRO C 518 16.06 13.45 13.42
C PRO C 518 15.07 13.24 12.29
N LYS C 519 13.95 13.93 12.33
CA LYS C 519 12.95 13.77 11.29
C LYS C 519 13.27 14.62 10.09
N PRO C 520 12.50 14.47 9.02
CA PRO C 520 12.74 15.23 7.80
C PRO C 520 12.04 16.57 7.80
N GLY C 521 12.78 17.64 8.05
CA GLY C 521 12.20 18.97 8.01
C GLY C 521 11.63 19.44 9.33
N ARG C 522 12.32 19.19 10.43
CA ARG C 522 11.88 19.62 11.75
C ARG C 522 13.09 20.09 12.56
N ASP C 523 12.81 20.98 13.52
CA ASP C 523 13.87 21.48 14.40
C ASP C 523 14.35 20.37 15.32
N THR C 524 15.66 20.32 15.53
CA THR C 524 16.27 19.29 16.37
C THR C 524 16.35 19.70 17.84
N THR C 525 15.92 20.91 18.19
CA THR C 525 15.99 21.36 19.57
C THR C 525 14.92 20.71 20.44
N LYS C 526 13.77 20.36 19.85
CA LYS C 526 12.67 19.80 20.63
C LYS C 526 12.89 18.30 20.85
N LYS C 527 12.48 17.83 22.03
CA LYS C 527 12.64 16.41 22.36
C LYS C 527 11.66 15.55 21.57
N GLU C 528 10.53 16.10 21.16
CA GLU C 528 9.47 15.35 20.50
C GLU C 528 9.65 15.30 18.98
N ASN C 529 10.75 15.81 18.45
CA ASN C 529 11.00 15.82 17.02
C ASN C 529 11.82 14.63 16.55
N PHE C 530 12.13 13.68 17.42
CA PHE C 530 12.92 12.52 17.04
C PHE C 530 12.03 11.36 16.63
N ARG C 531 12.61 10.46 15.83
CA ARG C 531 11.91 9.26 15.38
C ARG C 531 12.39 8.06 16.17
N PRO C 532 11.59 7.51 17.07
CA PRO C 532 12.00 6.30 17.80
C PRO C 532 11.77 5.05 16.97
N ILE C 533 12.87 4.44 16.53
CA ILE C 533 12.81 3.19 15.77
C ILE C 533 13.28 2.05 16.67
N SER C 534 12.66 0.89 16.53
CA SER C 534 12.92 -0.24 17.41
C SER C 534 13.35 -1.46 16.61
N LEU C 535 14.31 -2.20 17.16
CA LEU C 535 14.82 -3.42 16.54
C LEU C 535 14.64 -4.57 17.51
N MET C 536 14.16 -5.71 17.01
CA MET C 536 13.93 -6.87 17.85
C MET C 536 14.86 -8.00 17.44
N ASN C 537 14.67 -9.15 18.08
CA ASN C 537 15.40 -10.35 17.71
C ASN C 537 14.89 -10.88 16.38
N ILE C 538 15.75 -11.61 15.68
CA ILE C 538 15.40 -12.11 14.35
C ILE C 538 14.34 -13.21 14.46
N ASP C 539 14.45 -14.08 15.46
CA ASP C 539 13.47 -15.14 15.65
C ASP C 539 12.09 -14.58 15.96
N ALA C 540 12.02 -13.54 16.79
CA ALA C 540 10.73 -12.89 17.04
C ALA C 540 10.18 -12.30 15.75
N LYS C 541 11.05 -11.75 14.90
CA LYS C 541 10.62 -11.25 13.61
C LYS C 541 10.07 -12.38 12.74
N ILE C 542 10.69 -13.56 12.80
CA ILE C 542 10.20 -14.70 12.02
C ILE C 542 8.82 -15.11 12.49
N LEU C 543 8.62 -15.21 13.80
CA LEU C 543 7.31 -15.57 14.32
C LEU C 543 6.26 -14.53 13.94
N ASN C 544 6.60 -13.25 14.07
CA ASN C 544 5.66 -12.19 13.73
C ASN C 544 5.36 -12.19 12.23
N LYS C 545 6.35 -12.52 11.40
CA LYS C 545 6.10 -12.63 9.96
C LYS C 545 5.15 -13.77 9.65
N ILE C 546 5.31 -14.92 10.33
CA ILE C 546 4.41 -16.03 10.12
C ILE C 546 2.98 -15.63 10.46
N LEU C 547 2.78 -15.03 11.64
CA LEU C 547 1.44 -14.59 12.02
C LEU C 547 0.92 -13.52 11.08
N ALA C 548 1.78 -12.60 10.63
CA ALA C 548 1.37 -11.52 9.75
C ALA C 548 0.90 -12.05 8.41
N ASN C 549 1.61 -13.03 7.85
CA ASN C 549 1.14 -13.66 6.62
C ASN C 549 -0.17 -14.40 6.83
N ARG C 550 -0.30 -15.12 7.95
CA ARG C 550 -1.52 -15.86 8.21
C ARG C 550 -2.73 -14.95 8.30
N ILE C 551 -2.56 -13.75 8.88
CA ILE C 551 -3.68 -12.82 8.95
C ILE C 551 -3.82 -12.01 7.67
N GLN C 552 -2.74 -11.79 6.92
CA GLN C 552 -2.81 -11.08 5.67
C GLN C 552 -3.56 -11.86 4.62
N GLN C 553 -3.59 -13.19 4.74
CA GLN C 553 -4.37 -13.99 3.80
C GLN C 553 -5.86 -13.65 3.86
N HIS C 554 -6.32 -13.04 4.95
CA HIS C 554 -7.73 -12.67 5.11
C HIS C 554 -7.91 -11.18 5.37
N ILE C 555 -6.82 -10.41 5.41
CA ILE C 555 -6.92 -8.97 5.66
C ILE C 555 -7.78 -8.29 4.60
N LYS C 556 -7.86 -8.85 3.38
CA LYS C 556 -8.75 -8.29 2.38
C LYS C 556 -10.21 -8.41 2.80
N LYS C 557 -10.59 -9.55 3.38
CA LYS C 557 -11.95 -9.71 3.89
C LYS C 557 -12.19 -8.89 5.14
N LEU C 558 -11.15 -8.69 5.96
CA LEU C 558 -11.33 -8.03 7.24
C LEU C 558 -11.71 -6.56 7.09
N ILE C 559 -10.83 -5.76 6.49
CA ILE C 559 -10.99 -4.32 6.45
C ILE C 559 -11.49 -3.89 5.08
N HIS C 560 -12.14 -2.72 5.05
CA HIS C 560 -12.77 -2.22 3.85
C HIS C 560 -11.72 -1.86 2.80
N HIS C 561 -12.20 -1.55 1.59
CA HIS C 561 -11.31 -1.18 0.50
C HIS C 561 -10.95 0.30 0.51
N ASP C 562 -11.56 1.11 1.39
CA ASP C 562 -11.19 2.51 1.50
C ASP C 562 -9.74 2.65 1.96
N GLN C 563 -9.34 1.85 2.94
CA GLN C 563 -7.97 1.88 3.41
C GLN C 563 -7.06 1.21 2.38
N VAL C 564 -6.00 1.92 1.98
CA VAL C 564 -5.03 1.40 1.02
C VAL C 564 -3.63 1.29 1.60
N GLY C 565 -3.44 1.66 2.86
CA GLY C 565 -2.12 1.60 3.47
C GLY C 565 -1.85 0.20 3.99
N PHE C 566 -0.70 -0.34 3.58
CA PHE C 566 -0.20 -1.67 3.96
C PHE C 566 -1.03 -2.80 3.40
N ILE C 567 -2.09 -2.52 2.67
CA ILE C 567 -2.91 -3.59 2.05
C ILE C 567 -2.25 -4.01 0.74
N PRO C 568 -1.96 -5.28 0.54
CA PRO C 568 -1.36 -5.72 -0.72
C PRO C 568 -2.30 -5.47 -1.89
N GLY C 569 -1.71 -5.14 -3.04
CA GLY C 569 -2.47 -4.94 -4.26
C GLY C 569 -3.14 -3.61 -4.41
N MET C 570 -2.90 -2.66 -3.51
CA MET C 570 -3.49 -1.33 -3.58
C MET C 570 -2.39 -0.28 -3.70
N GLN C 571 -2.66 0.78 -4.44
CA GLN C 571 -1.68 1.81 -4.73
C GLN C 571 -2.08 3.14 -4.11
N GLY C 572 -1.10 4.03 -3.97
CA GLY C 572 -1.34 5.29 -3.29
C GLY C 572 -2.29 6.21 -4.03
N TRP C 573 -2.16 6.30 -5.35
CA TRP C 573 -2.94 7.25 -6.13
C TRP C 573 -4.43 6.93 -6.15
N PHE C 574 -4.81 5.75 -5.67
CA PHE C 574 -6.22 5.38 -5.58
C PHE C 574 -7.02 6.45 -4.85
N ASN C 575 -6.45 7.03 -3.80
CA ASN C 575 -7.13 8.08 -3.04
C ASN C 575 -6.85 9.47 -3.58
N ILE C 576 -5.69 9.70 -4.17
CA ILE C 576 -5.37 11.01 -4.72
C ILE C 576 -6.33 11.35 -5.86
N ARG C 577 -6.56 10.41 -6.76
CA ARG C 577 -7.48 10.65 -7.86
C ARG C 577 -8.90 10.86 -7.36
N LYS C 578 -9.33 10.09 -6.36
CA LYS C 578 -10.66 10.28 -5.79
C LYS C 578 -10.79 11.67 -5.18
N SER C 579 -9.77 12.11 -4.43
CA SER C 579 -9.83 13.42 -3.79
C SER C 579 -9.87 14.53 -4.84
N ILE C 580 -9.11 14.38 -5.93
CA ILE C 580 -9.17 15.35 -7.00
C ILE C 580 -10.56 15.41 -7.60
N ASN C 581 -11.20 14.25 -7.79
CA ASN C 581 -12.56 14.23 -8.30
C ASN C 581 -13.54 14.92 -7.36
N VAL C 582 -13.40 14.71 -6.05
CA VAL C 582 -14.27 15.40 -5.11
C VAL C 582 -14.04 16.91 -5.14
N ILE C 583 -12.77 17.33 -5.25
CA ILE C 583 -12.47 18.75 -5.37
C ILE C 583 -13.14 19.33 -6.59
N GLN C 584 -13.07 18.63 -7.72
CA GLN C 584 -13.71 19.12 -8.94
C GLN C 584 -15.22 19.21 -8.77
N HIS C 585 -15.82 18.20 -8.15
CA HIS C 585 -17.28 18.22 -7.95
C HIS C 585 -17.69 19.38 -7.07
N ILE C 586 -16.94 19.64 -6.00
CA ILE C 586 -17.26 20.77 -5.14
C ILE C 586 -17.09 22.08 -5.89
N ASN C 587 -16.05 22.19 -6.70
CA ASN C 587 -15.81 23.41 -7.46
C ASN C 587 -16.94 23.68 -8.44
N ARG C 588 -17.42 22.63 -9.12
CA ARG C 588 -18.47 22.81 -10.13
C ARG C 588 -19.85 22.96 -9.52
N ALA C 589 -20.03 22.67 -8.23
CA ALA C 589 -21.34 22.80 -7.61
C ALA C 589 -21.72 24.26 -7.45
N LYS C 590 -22.96 24.59 -7.78
CA LYS C 590 -23.44 25.97 -7.62
C LYS C 590 -23.71 26.32 -6.18
N ASP C 591 -24.04 25.34 -5.34
CA ASP C 591 -24.27 25.53 -3.91
C ASP C 591 -23.09 24.91 -3.16
N LYS C 592 -22.24 25.77 -2.61
CA LYS C 592 -21.01 25.32 -1.93
C LYS C 592 -21.25 25.39 -0.43
N ASN C 593 -21.45 24.23 0.18
CA ASN C 593 -21.58 24.10 1.63
C ASN C 593 -20.79 22.89 2.12
N HIS C 594 -19.63 22.66 1.54
CA HIS C 594 -18.83 21.47 1.79
C HIS C 594 -17.53 21.84 2.49
N VAL C 595 -16.86 20.81 3.00
CA VAL C 595 -15.60 20.99 3.72
C VAL C 595 -14.79 19.71 3.57
N ILE C 596 -13.46 19.88 3.51
CA ILE C 596 -12.53 18.76 3.44
C ILE C 596 -11.51 18.93 4.54
N ILE C 597 -11.32 17.89 5.36
CA ILE C 597 -10.42 17.93 6.49
C ILE C 597 -9.37 16.85 6.34
N SER C 598 -8.10 17.22 6.46
CA SER C 598 -6.99 16.28 6.41
C SER C 598 -6.53 15.99 7.84
N ILE C 599 -7.26 15.08 8.50
CA ILE C 599 -6.96 14.74 9.88
C ILE C 599 -5.64 13.98 9.93
N ASP C 600 -4.75 14.40 10.83
CA ASP C 600 -3.47 13.74 11.04
C ASP C 600 -3.36 13.29 12.49
N ALA C 601 -3.04 12.01 12.70
CA ALA C 601 -2.87 11.50 14.05
C ALA C 601 -1.56 11.96 14.65
N GLU C 602 -1.50 12.00 15.97
CA GLU C 602 -0.31 12.39 16.72
C GLU C 602 0.26 11.13 17.38
N LYS C 603 1.30 10.57 16.75
CA LYS C 603 1.96 9.36 17.23
C LYS C 603 0.95 8.23 17.42
N ALA C 604 0.32 7.84 16.30
CA ALA C 604 -0.73 6.83 16.35
C ALA C 604 -0.19 5.48 16.79
N PHE C 605 1.01 5.12 16.33
CA PHE C 605 1.57 3.82 16.68
C PHE C 605 1.81 3.69 18.17
N ASP C 606 2.29 4.75 18.81
CA ASP C 606 2.65 4.71 20.22
C ASP C 606 1.51 5.11 21.15
N LYS C 607 0.31 5.36 20.60
CA LYS C 607 -0.84 5.76 21.39
C LYS C 607 -2.01 4.78 21.26
N ILE C 608 -1.74 3.56 20.81
CA ILE C 608 -2.77 2.54 20.67
C ILE C 608 -2.74 1.65 21.91
N GLN C 609 -3.86 1.56 22.60
CA GLN C 609 -3.94 0.79 23.85
C GLN C 609 -3.95 -0.70 23.52
N GLN C 610 -3.04 -1.45 24.14
CA GLN C 610 -2.99 -2.88 23.92
C GLN C 610 -4.27 -3.62 24.33
N PRO C 611 -4.87 -3.36 25.51
CA PRO C 611 -6.11 -4.06 25.84
C PRO C 611 -7.22 -3.86 24.81
N PHE C 612 -7.37 -2.64 24.28
CA PHE C 612 -8.42 -2.41 23.29
C PHE C 612 -8.15 -3.19 22.02
N MET C 613 -6.90 -3.24 21.57
CA MET C 613 -6.58 -4.01 20.38
C MET C 613 -6.82 -5.49 20.60
N LEU C 614 -6.47 -6.01 21.79
CA LEU C 614 -6.76 -7.40 22.11
C LEU C 614 -8.27 -7.67 22.07
N LYS C 615 -9.07 -6.79 22.67
CA LYS C 615 -10.50 -7.02 22.73
C LYS C 615 -11.17 -6.89 21.37
N THR C 616 -10.70 -5.97 20.52
CA THR C 616 -11.29 -5.87 19.19
C THR C 616 -10.82 -7.01 18.28
N LEU C 617 -9.63 -7.55 18.53
CA LEU C 617 -9.22 -8.77 17.84
C LEU C 617 -10.10 -9.94 18.25
N ASN C 618 -10.41 -10.03 19.54
CA ASN C 618 -11.31 -11.08 20.01
C ASN C 618 -12.71 -10.92 19.41
N LYS C 619 -13.20 -9.69 19.32
CA LYS C 619 -14.53 -9.44 18.78
C LYS C 619 -14.62 -9.81 17.31
N LEU C 620 -13.51 -9.70 16.58
CA LEU C 620 -13.50 -10.00 15.15
C LEU C 620 -13.62 -11.48 14.84
N GLY C 621 -13.87 -12.34 15.83
CA GLY C 621 -13.99 -13.76 15.59
C GLY C 621 -12.70 -14.54 15.71
N ILE C 622 -11.56 -13.87 15.85
CA ILE C 622 -10.29 -14.56 16.02
C ILE C 622 -10.18 -15.00 17.48
N ASP C 623 -10.20 -16.30 17.71
CA ASP C 623 -10.08 -16.85 19.05
C ASP C 623 -9.40 -18.20 18.98
N GLY C 624 -8.82 -18.60 20.10
CA GLY C 624 -8.12 -19.86 20.19
C GLY C 624 -6.61 -19.71 20.19
N MET C 625 -5.93 -20.47 19.32
CA MET C 625 -4.47 -20.49 19.33
C MET C 625 -3.89 -19.14 18.92
N TYR C 626 -4.48 -18.51 17.88
CA TYR C 626 -3.96 -17.24 17.41
C TYR C 626 -4.07 -16.17 18.48
N LEU C 627 -5.22 -16.05 19.14
CA LEU C 627 -5.34 -15.11 20.25
C LEU C 627 -4.43 -15.50 21.40
N LYS C 628 -4.30 -16.80 21.67
CA LYS C 628 -3.48 -17.26 22.78
C LYS C 628 -2.03 -16.87 22.61
N ILE C 629 -1.53 -16.82 21.37
CA ILE C 629 -0.15 -16.39 21.17
C ILE C 629 -0.03 -14.87 21.01
N ILE C 630 -1.02 -14.22 20.38
CA ILE C 630 -0.95 -12.77 20.21
C ILE C 630 -1.00 -12.06 21.56
N ARG C 631 -1.89 -12.52 22.46
CA ARG C 631 -1.93 -11.95 23.80
C ARG C 631 -0.62 -12.17 24.53
N ALA C 632 0.01 -13.32 24.34
CA ALA C 632 1.28 -13.60 24.99
C ALA C 632 2.40 -12.70 24.47
N ILE C 633 2.36 -12.37 23.17
CA ILE C 633 3.43 -11.55 22.60
C ILE C 633 3.37 -10.11 23.08
N TYR C 634 2.22 -9.68 23.62
CA TYR C 634 2.07 -8.33 24.15
C TYR C 634 1.80 -8.33 25.66
N ASP C 635 2.39 -9.30 26.37
CA ASP C 635 2.17 -9.38 27.82
C ASP C 635 3.04 -8.39 28.57
N LYS C 636 4.36 -8.52 28.46
CA LYS C 636 5.31 -7.64 29.14
C LYS C 636 6.40 -7.19 28.17
N PRO C 637 6.05 -6.35 27.19
CA PRO C 637 7.05 -5.87 26.24
C PRO C 637 7.89 -4.75 26.86
N THR C 638 9.21 -4.92 26.82
CA THR C 638 10.14 -3.94 27.36
C THR C 638 11.05 -3.43 26.24
N ALA C 639 11.58 -2.22 26.45
CA ALA C 639 12.47 -1.61 25.48
C ALA C 639 13.48 -0.74 26.21
N ASN C 640 14.70 -0.72 25.69
CA ASN C 640 15.78 0.08 26.24
C ASN C 640 16.36 0.96 25.15
N ILE C 641 16.51 2.26 25.44
CA ILE C 641 16.99 3.22 24.46
C ILE C 641 18.50 3.13 24.36
N ILE C 642 19.02 3.46 23.18
CA ILE C 642 20.45 3.52 22.92
C ILE C 642 20.77 4.85 22.27
N LEU C 643 21.64 5.63 22.89
CA LEU C 643 22.08 6.92 22.35
C LEU C 643 23.58 7.02 22.51
N ASN C 644 24.27 7.31 21.40
CA ASN C 644 25.72 7.46 21.39
C ASN C 644 26.41 6.23 21.97
N GLY C 645 25.87 5.05 21.64
CA GLY C 645 26.43 3.81 22.14
C GLY C 645 26.34 3.63 23.64
N GLN C 646 25.21 4.01 24.24
CA GLN C 646 24.99 3.89 25.68
C GLN C 646 23.86 2.91 25.93
N LYS C 647 24.09 1.96 26.83
CA LYS C 647 23.10 0.93 27.16
C LYS C 647 22.21 1.45 28.28
N LEU C 648 21.28 2.31 27.91
CA LEU C 648 20.34 2.87 28.88
C LEU C 648 19.40 1.79 29.39
N GLU C 649 19.02 1.89 30.65
CA GLU C 649 18.18 0.88 31.27
C GLU C 649 16.79 0.87 30.66
N ALA C 650 16.17 -0.30 30.65
CA ALA C 650 14.90 -0.50 29.98
C ALA C 650 13.73 -0.02 30.85
N PHE C 651 12.59 0.19 30.19
CA PHE C 651 11.35 0.56 30.84
C PHE C 651 10.20 -0.16 30.16
N PRO C 652 9.13 -0.48 30.90
CA PRO C 652 8.03 -1.23 30.30
C PRO C 652 7.29 -0.41 29.24
N LEU C 653 6.81 -1.13 28.22
CA LEU C 653 5.99 -0.53 27.17
C LEU C 653 4.53 -0.84 27.47
N LYS C 654 3.97 -0.11 28.43
CA LYS C 654 2.60 -0.37 28.85
C LYS C 654 1.57 -0.01 27.79
N THR C 655 1.95 0.76 26.77
CA THR C 655 1.01 1.16 25.74
C THR C 655 1.74 1.31 24.41
N GLY C 656 0.96 1.25 23.33
CA GLY C 656 1.49 1.43 22.00
C GLY C 656 2.05 0.15 21.40
N THR C 657 1.64 -0.17 20.18
CA THR C 657 2.18 -1.32 19.48
C THR C 657 3.64 -1.05 19.11
N ARG C 658 4.51 -2.00 19.45
CA ARG C 658 5.94 -1.84 19.21
C ARG C 658 6.22 -1.73 17.72
N GLN C 659 6.63 -0.54 17.27
CA GLN C 659 6.91 -0.34 15.86
C GLN C 659 8.17 -1.12 15.45
N GLY C 660 8.27 -1.40 14.16
CA GLY C 660 9.26 -2.33 13.66
C GLY C 660 8.80 -3.76 13.66
N CYS C 661 7.58 -4.03 14.13
CA CYS C 661 6.95 -5.34 14.14
C CYS C 661 6.17 -5.55 12.84
N PRO C 662 6.47 -6.61 12.08
CA PRO C 662 5.70 -6.86 10.85
C PRO C 662 4.22 -7.09 11.11
N LEU C 663 3.84 -7.54 12.30
CA LEU C 663 2.43 -7.73 12.64
C LEU C 663 1.76 -6.44 13.08
N SER C 664 2.54 -5.45 13.53
CA SER C 664 1.95 -4.22 14.07
C SER C 664 1.09 -3.46 13.06
N PRO C 665 1.49 -3.27 11.79
CA PRO C 665 0.60 -2.54 10.87
C PRO C 665 -0.76 -3.19 10.70
N LEU C 666 -0.82 -4.53 10.68
CA LEU C 666 -2.12 -5.19 10.53
C LEU C 666 -3.01 -4.93 11.73
N LEU C 667 -2.47 -5.04 12.94
CA LEU C 667 -3.25 -4.76 14.14
C LEU C 667 -3.70 -3.30 14.17
N PHE C 668 -2.82 -2.38 13.79
CA PHE C 668 -3.19 -0.97 13.77
C PHE C 668 -4.31 -0.71 12.77
N ASN C 669 -4.22 -1.32 11.59
CA ASN C 669 -5.30 -1.18 10.61
C ASN C 669 -6.60 -1.76 11.12
N ILE C 670 -6.54 -2.91 11.82
CA ILE C 670 -7.74 -3.50 12.39
C ILE C 670 -8.36 -2.56 13.42
N VAL C 671 -7.53 -1.95 14.28
CA VAL C 671 -8.06 -1.05 15.29
C VAL C 671 -8.69 0.18 14.64
N LEU C 672 -7.99 0.77 13.67
CA LEU C 672 -8.51 1.96 13.00
C LEU C 672 -9.75 1.64 12.16
N GLU C 673 -9.92 0.38 11.76
CA GLU C 673 -11.13 0.00 11.02
C GLU C 673 -12.37 0.18 11.87
N VAL C 674 -12.26 0.05 13.18
CA VAL C 674 -13.41 0.31 14.06
C VAL C 674 -13.86 1.76 13.93
N LEU C 675 -12.91 2.69 13.99
CA LEU C 675 -13.26 4.10 13.83
C LEU C 675 -13.78 4.38 12.43
N ALA C 676 -13.19 3.76 11.41
CA ALA C 676 -13.64 3.96 10.04
C ALA C 676 -15.08 3.50 9.87
N ARG C 677 -15.42 2.33 10.41
CA ARG C 677 -16.79 1.83 10.30
C ARG C 677 -17.74 2.63 11.16
N ALA C 678 -17.27 3.16 12.29
CA ALA C 678 -18.11 4.05 13.09
C ALA C 678 -18.47 5.31 12.32
N ILE C 679 -17.48 5.89 11.62
CA ILE C 679 -17.74 7.07 10.81
C ILE C 679 -18.68 6.75 9.66
N ARG C 680 -18.44 5.63 8.97
CA ARG C 680 -19.26 5.28 7.82
C ARG C 680 -20.71 4.99 8.21
N GLN C 681 -20.90 4.27 9.33
CA GLN C 681 -22.25 3.89 9.74
C GLN C 681 -23.04 5.06 10.31
N GLU C 682 -22.37 6.12 10.75
CA GLU C 682 -23.06 7.23 11.39
C GLU C 682 -23.83 8.05 10.36
N LYS C 683 -25.13 8.24 10.62
CA LYS C 683 -25.96 9.04 9.72
C LYS C 683 -25.72 10.53 9.90
N GLU C 684 -25.31 10.97 11.09
CA GLU C 684 -25.07 12.39 11.30
C GLU C 684 -23.94 12.90 10.43
N ILE C 685 -22.86 12.11 10.31
CA ILE C 685 -21.79 12.44 9.37
C ILE C 685 -22.33 12.24 7.96
N LYS C 686 -22.39 13.32 7.18
CA LYS C 686 -22.98 13.30 5.85
C LYS C 686 -21.90 13.57 4.82
N GLY C 687 -21.56 12.55 4.03
CA GLY C 687 -20.68 12.75 2.90
C GLY C 687 -21.42 13.22 1.66
N ILE C 688 -20.69 13.90 0.79
CA ILE C 688 -21.28 14.47 -0.41
C ILE C 688 -21.42 13.38 -1.47
N GLN C 689 -22.60 13.33 -2.09
CA GLN C 689 -22.96 12.25 -3.00
C GLN C 689 -22.45 12.57 -4.41
N LEU C 690 -21.74 11.61 -5.00
CA LEU C 690 -21.27 11.71 -6.38
C LEU C 690 -22.16 10.83 -7.24
N GLY C 691 -23.28 11.39 -7.68
CA GLY C 691 -24.26 10.62 -8.42
C GLY C 691 -24.88 9.52 -7.59
N LYS C 692 -24.77 8.28 -8.08
CA LYS C 692 -25.28 7.12 -7.35
C LYS C 692 -24.28 6.56 -6.34
N GLU C 693 -23.06 7.10 -6.31
CA GLU C 693 -22.03 6.66 -5.38
C GLU C 693 -21.78 7.76 -4.35
N GLU C 694 -21.77 7.38 -3.07
CA GLU C 694 -21.57 8.30 -1.97
C GLU C 694 -20.21 8.04 -1.34
N VAL C 695 -19.41 9.10 -1.19
CA VAL C 695 -18.09 9.01 -0.59
C VAL C 695 -18.12 9.72 0.76
N LYS C 696 -17.67 9.02 1.79
CA LYS C 696 -17.62 9.58 3.14
C LYS C 696 -16.22 9.98 3.56
N LEU C 697 -15.26 9.07 3.45
CA LEU C 697 -13.90 9.35 3.90
C LEU C 697 -12.93 8.46 3.18
N SER C 698 -11.66 8.86 3.19
CA SER C 698 -10.57 8.12 2.59
C SER C 698 -9.49 7.87 3.63
N LEU C 699 -8.81 6.74 3.51
CA LEU C 699 -7.90 6.29 4.54
C LEU C 699 -6.50 6.02 3.98
N PHE C 700 -5.54 6.04 4.89
CA PHE C 700 -4.18 5.58 4.68
C PHE C 700 -3.70 5.07 6.03
N ALA C 701 -2.38 4.97 6.22
CA ALA C 701 -1.86 4.59 7.53
C ALA C 701 -2.42 5.49 8.63
N ASP C 702 -2.29 6.81 8.46
CA ASP C 702 -2.90 7.77 9.35
C ASP C 702 -3.67 8.89 8.65
N ASP C 703 -3.38 9.17 7.38
CA ASP C 703 -3.94 10.34 6.70
C ASP C 703 -5.42 10.13 6.39
N MET C 704 -6.21 10.07 7.45
CA MET C 704 -7.66 9.92 7.32
C MET C 704 -8.25 11.26 6.89
N ILE C 705 -8.50 11.41 5.60
CA ILE C 705 -9.16 12.58 5.04
C ILE C 705 -10.63 12.25 4.84
N VAL C 706 -11.51 13.14 5.30
CA VAL C 706 -12.94 12.88 5.29
C VAL C 706 -13.64 14.07 4.67
N TYR C 707 -14.56 13.80 3.75
CA TYR C 707 -15.33 14.83 3.06
C TYR C 707 -16.70 14.93 3.70
N LEU C 708 -17.12 16.16 4.02
CA LEU C 708 -18.34 16.39 4.77
C LEU C 708 -19.28 17.30 3.99
N GLU C 709 -20.55 17.28 4.41
CA GLU C 709 -21.56 18.21 3.96
C GLU C 709 -22.22 18.86 5.17
N ASN C 710 -22.55 20.14 5.05
CA ASN C 710 -23.07 20.93 6.15
C ASN C 710 -22.13 20.83 7.34
N PRO C 711 -20.95 21.47 7.28
CA PRO C 711 -19.94 21.24 8.32
C PRO C 711 -20.37 21.66 9.72
N ILE C 712 -21.38 22.53 9.84
CA ILE C 712 -21.68 23.15 11.12
C ILE C 712 -22.00 22.10 12.18
N VAL C 713 -22.73 21.05 11.81
CA VAL C 713 -23.02 19.96 12.72
C VAL C 713 -22.22 18.70 12.41
N SER C 714 -21.86 18.46 11.15
CA SER C 714 -21.11 17.26 10.80
C SER C 714 -19.71 17.28 11.41
N ALA C 715 -19.04 18.43 11.39
CA ALA C 715 -17.71 18.51 11.99
C ALA C 715 -17.78 18.27 13.50
N GLN C 716 -18.79 18.82 14.17
CA GLN C 716 -18.94 18.60 15.59
C GLN C 716 -19.22 17.13 15.91
N ASN C 717 -20.07 16.48 15.10
CA ASN C 717 -20.33 15.06 15.31
C ASN C 717 -19.07 14.23 15.11
N LEU C 718 -18.31 14.54 14.07
CA LEU C 718 -17.05 13.84 13.84
C LEU C 718 -16.09 14.05 15.00
N LEU C 719 -16.01 15.28 15.51
CA LEU C 719 -15.09 15.57 16.61
C LEU C 719 -15.50 14.82 17.87
N LYS C 720 -16.79 14.76 18.18
CA LYS C 720 -17.22 14.05 19.38
C LYS C 720 -17.02 12.54 19.22
N LEU C 721 -17.24 12.00 18.02
CA LEU C 721 -16.97 10.58 17.81
C LEU C 721 -15.49 10.26 17.96
N ILE C 722 -14.62 11.13 17.43
CA ILE C 722 -13.19 10.94 17.58
C ILE C 722 -12.78 11.07 19.05
N SER C 723 -13.44 11.97 19.78
CA SER C 723 -13.14 12.10 21.22
C SER C 723 -13.52 10.83 21.97
N ASN C 724 -14.68 10.25 21.64
CA ASN C 724 -15.07 8.98 22.27
C ASN C 724 -14.06 7.87 21.94
N PHE C 725 -13.66 7.78 20.67
CA PHE C 725 -12.67 6.80 20.28
C PHE C 725 -11.32 7.06 20.96
N SER C 726 -11.02 8.32 21.24
CA SER C 726 -9.79 8.69 21.91
C SER C 726 -9.83 8.19 23.35
N LYS C 727 -10.92 8.47 24.05
CA LYS C 727 -11.07 8.02 25.43
C LYS C 727 -11.03 6.50 25.51
N VAL C 728 -11.65 5.82 24.55
CA VAL C 728 -11.67 4.35 24.59
C VAL C 728 -10.29 3.77 24.27
N SER C 729 -9.61 4.30 23.25
CA SER C 729 -8.43 3.64 22.70
C SER C 729 -7.16 4.48 22.79
N GLY C 730 -7.25 5.79 22.97
CA GLY C 730 -6.05 6.61 23.03
C GLY C 730 -5.59 7.21 21.73
N TYR C 731 -6.44 7.21 20.70
CA TYR C 731 -6.08 7.78 19.40
C TYR C 731 -6.22 9.29 19.48
N LYS C 732 -5.10 10.01 19.48
CA LYS C 732 -5.08 11.46 19.63
C LYS C 732 -4.70 12.11 18.32
N ILE C 733 -5.44 13.16 17.95
CA ILE C 733 -5.23 13.88 16.70
C ILE C 733 -4.51 15.19 16.99
N ASN C 734 -3.51 15.50 16.18
CA ASN C 734 -2.79 16.78 16.28
C ASN C 734 -3.59 17.82 15.49
N VAL C 735 -4.48 18.52 16.19
CA VAL C 735 -5.33 19.51 15.54
C VAL C 735 -4.53 20.66 14.96
N GLN C 736 -3.35 20.95 15.54
CA GLN C 736 -2.52 22.03 15.01
C GLN C 736 -2.07 21.74 13.58
N LYS C 737 -1.59 20.53 13.32
CA LYS C 737 -1.10 20.16 12.00
C LYS C 737 -2.23 19.87 11.01
N SER C 738 -3.42 19.55 11.50
CA SER C 738 -4.53 19.19 10.61
C SER C 738 -5.04 20.43 9.89
N GLN C 739 -4.97 20.41 8.56
CA GLN C 739 -5.45 21.49 7.73
C GLN C 739 -6.86 21.17 7.24
N ALA C 740 -7.46 22.12 6.51
CA ALA C 740 -8.82 21.93 6.02
C ALA C 740 -9.07 22.85 4.84
N PHE C 741 -10.11 22.54 4.08
CA PHE C 741 -10.60 23.36 2.99
C PHE C 741 -12.03 23.77 3.28
N LEU C 742 -12.30 25.06 3.24
CA LEU C 742 -13.64 25.59 3.47
C LEU C 742 -14.22 26.06 2.14
N TYR C 743 -15.40 25.56 1.81
CA TYR C 743 -16.08 25.85 0.55
C TYR C 743 -17.46 26.41 0.89
N ASN C 744 -17.54 27.73 1.01
CA ASN C 744 -18.80 28.41 1.32
C ASN C 744 -18.91 29.67 0.47
N ASN C 745 -20.14 30.11 0.25
CA ASN C 745 -20.40 31.29 -0.56
C ASN C 745 -20.64 32.55 0.28
N ASN C 746 -21.31 32.43 1.41
CA ASN C 746 -21.58 33.58 2.27
C ASN C 746 -20.36 33.91 3.10
N ARG C 747 -20.04 35.21 3.20
CA ARG C 747 -18.85 35.65 3.91
C ARG C 747 -19.00 35.42 5.41
N GLN C 748 -20.17 35.74 5.97
CA GLN C 748 -20.34 35.65 7.42
C GLN C 748 -20.47 34.22 7.92
N THR C 749 -20.97 33.30 7.08
CA THR C 749 -21.11 31.91 7.53
C THR C 749 -19.75 31.27 7.77
N GLU C 750 -18.74 31.67 7.00
CA GLU C 750 -17.39 31.12 7.19
C GLU C 750 -16.81 31.50 8.54
N SER C 751 -17.17 32.68 9.05
CA SER C 751 -16.56 33.16 10.29
C SER C 751 -16.87 32.23 11.46
N GLN C 752 -18.14 31.83 11.60
CA GLN C 752 -18.51 30.92 12.67
C GLN C 752 -17.81 29.57 12.51
N ILE C 753 -17.70 29.10 11.27
CA ILE C 753 -17.07 27.80 11.03
C ILE C 753 -15.60 27.82 11.46
N MET C 754 -14.87 28.88 11.10
CA MET C 754 -13.48 28.97 11.53
C MET C 754 -13.38 29.19 13.04
N GLY C 755 -14.30 29.97 13.62
CA GLY C 755 -14.23 30.24 15.05
C GLY C 755 -14.48 29.02 15.91
N GLU C 756 -15.48 28.20 15.55
CA GLU C 756 -15.84 27.07 16.39
C GLU C 756 -14.82 25.93 16.26
N LEU C 757 -14.66 25.41 15.06
CA LEU C 757 -13.74 24.29 14.86
C LEU C 757 -12.30 24.75 15.01
N PRO C 758 -11.45 23.97 15.67
CA PRO C 758 -10.04 24.36 15.85
C PRO C 758 -9.15 24.06 14.65
N PHE C 759 -9.72 23.76 13.49
CA PHE C 759 -8.91 23.45 12.32
C PHE C 759 -8.22 24.71 11.78
N THR C 760 -7.01 24.53 11.27
CA THR C 760 -6.26 25.61 10.63
C THR C 760 -6.62 25.59 9.15
N ILE C 761 -7.60 26.41 8.77
CA ILE C 761 -8.11 26.41 7.41
C ILE C 761 -7.05 26.98 6.47
N ALA C 762 -6.62 26.17 5.51
CA ALA C 762 -5.68 26.60 4.49
C ALA C 762 -6.42 27.21 3.31
N SER C 763 -5.72 28.04 2.54
CA SER C 763 -6.32 28.75 1.43
C SER C 763 -5.77 28.36 0.07
N LYS C 764 -4.53 27.87 -0.01
CA LYS C 764 -3.90 27.58 -1.30
C LYS C 764 -3.64 26.10 -1.51
N ARG C 765 -2.87 25.45 -0.64
CA ARG C 765 -2.44 24.08 -0.88
C ARG C 765 -2.47 23.27 0.40
N ILE C 766 -2.69 21.96 0.25
CA ILE C 766 -2.54 20.99 1.32
C ILE C 766 -1.67 19.85 0.81
N LYS C 767 -0.67 19.48 1.60
CA LYS C 767 0.18 18.36 1.26
C LYS C 767 -0.57 17.06 1.48
N TYR C 768 -0.49 16.16 0.49
CA TYR C 768 -1.19 14.87 0.57
C TYR C 768 -0.34 13.86 -0.18
N LEU C 769 0.48 13.12 0.56
CA LEU C 769 1.41 12.13 -0.01
C LEU C 769 2.27 12.74 -1.12
N GLY C 770 2.76 13.95 -0.87
CA GLY C 770 3.59 14.63 -1.85
C GLY C 770 2.84 15.29 -2.98
N ILE C 771 1.51 15.34 -2.91
CA ILE C 771 0.68 15.95 -3.93
C ILE C 771 -0.01 17.16 -3.30
N GLN C 772 0.18 18.34 -3.91
CA GLN C 772 -0.44 19.55 -3.40
C GLN C 772 -1.86 19.64 -3.94
N LEU C 773 -2.83 19.28 -3.11
CA LEU C 773 -4.24 19.34 -3.49
C LEU C 773 -4.66 20.80 -3.55
N THR C 774 -4.68 21.37 -4.76
CA THR C 774 -5.06 22.75 -4.92
C THR C 774 -6.53 22.95 -4.59
N ARG C 775 -6.85 24.09 -3.98
CA ARG C 775 -8.25 24.40 -3.67
C ARG C 775 -9.09 24.49 -4.93
N ASP C 776 -8.49 24.96 -6.03
CA ASP C 776 -9.14 25.02 -7.32
C ASP C 776 -8.46 24.05 -8.29
N VAL C 777 -9.27 23.34 -9.07
CA VAL C 777 -8.72 22.32 -9.96
C VAL C 777 -7.86 22.93 -11.06
N LYS C 778 -8.18 24.15 -11.50
CA LYS C 778 -7.47 24.76 -12.61
C LYS C 778 -6.02 25.09 -12.27
N ASP C 779 -5.66 25.09 -10.99
CA ASP C 779 -4.30 25.41 -10.56
C ASP C 779 -3.43 24.17 -10.36
N LEU C 780 -3.91 23.00 -10.77
CA LEU C 780 -3.16 21.76 -10.56
C LEU C 780 -1.83 21.78 -11.30
N PHE C 781 -1.85 22.16 -12.57
CA PHE C 781 -0.61 22.23 -13.35
C PHE C 781 0.33 23.29 -12.77
N LYS C 782 -0.22 24.44 -12.37
CA LYS C 782 0.62 25.52 -11.86
C LYS C 782 1.31 25.10 -10.56
N GLU C 783 0.60 24.47 -9.64
CA GLU C 783 1.13 24.18 -8.32
C GLU C 783 1.67 22.76 -8.17
N ASN C 784 1.67 21.97 -9.24
CA ASN C 784 2.14 20.59 -9.16
C ASN C 784 3.33 20.29 -10.06
N TYR C 785 3.35 20.83 -11.28
CA TYR C 785 4.40 20.51 -12.24
C TYR C 785 5.45 21.60 -12.38
N LYS C 786 5.07 22.87 -12.23
CA LYS C 786 6.07 23.94 -12.23
C LYS C 786 7.04 23.83 -11.07
N PRO C 787 6.60 23.62 -9.81
CA PRO C 787 7.58 23.35 -8.74
C PRO C 787 8.41 22.12 -9.01
N LEU C 788 7.85 21.12 -9.68
CA LEU C 788 8.63 19.95 -10.08
C LEU C 788 9.80 20.37 -10.95
N LEU C 789 9.53 21.18 -11.98
CA LEU C 789 10.59 21.63 -12.88
C LEU C 789 11.60 22.51 -12.16
N LYS C 790 11.11 23.34 -11.23
CA LYS C 790 12.04 24.16 -10.43
C LYS C 790 12.97 23.27 -9.60
N GLU C 791 12.43 22.22 -8.99
CA GLU C 791 13.27 21.32 -8.20
C GLU C 791 14.24 20.58 -9.10
N ILE C 792 13.82 20.26 -10.32
CA ILE C 792 14.74 19.66 -11.29
C ILE C 792 15.90 20.60 -11.57
N LYS C 793 15.59 21.88 -11.84
CA LYS C 793 16.63 22.85 -12.16
C LYS C 793 17.56 23.12 -10.98
N GLU C 794 17.14 22.79 -9.77
CA GLU C 794 17.99 22.95 -8.60
C GLU C 794 18.86 21.72 -8.37
N ASP C 795 18.26 20.54 -8.50
CA ASP C 795 18.99 19.31 -8.21
C ASP C 795 19.99 19.02 -9.32
N THR C 796 19.69 19.44 -10.55
CA THR C 796 20.68 19.33 -11.63
C THR C 796 21.85 20.28 -11.38
N ASN C 797 21.60 21.41 -10.71
CA ASN C 797 22.70 22.28 -10.30
C ASN C 797 23.51 21.66 -9.17
N LYS C 798 22.86 20.84 -8.34
CA LYS C 798 23.58 20.22 -7.22
C LYS C 798 24.65 19.24 -7.73
N TRP C 799 24.29 18.35 -8.65
CA TRP C 799 25.26 17.41 -9.21
C TRP C 799 25.93 17.96 -10.47
N LYS C 800 26.68 19.05 -10.32
CA LYS C 800 27.41 19.61 -11.46
C LYS C 800 28.90 19.35 -11.42
N ASN C 801 29.44 18.94 -10.27
CA ASN C 801 30.88 18.75 -10.11
C ASN C 801 31.21 17.32 -9.69
N ILE C 802 30.51 16.34 -10.26
CA ILE C 802 30.79 14.93 -10.02
C ILE C 802 31.60 14.41 -11.21
N PRO C 803 32.85 13.98 -11.01
CA PRO C 803 33.67 13.48 -12.12
C PRO C 803 33.36 12.03 -12.47
N CYS C 804 32.16 11.81 -13.00
CA CYS C 804 31.71 10.49 -13.41
C CYS C 804 31.50 10.44 -14.91
N SER C 805 31.37 9.23 -15.42
CA SER C 805 31.14 9.03 -16.85
C SER C 805 29.71 9.44 -17.21
N TRP C 806 29.50 9.65 -18.51
CA TRP C 806 28.16 10.02 -18.99
C TRP C 806 27.16 8.91 -18.74
N VAL C 807 27.60 7.65 -18.82
CA VAL C 807 26.75 6.54 -18.42
C VAL C 807 26.38 6.67 -16.95
N GLY C 808 27.32 7.15 -16.13
CA GLY C 808 27.01 7.38 -14.73
C GLY C 808 25.92 8.42 -14.54
N ARG C 809 25.99 9.52 -15.28
CA ARG C 809 24.94 10.53 -15.19
C ARG C 809 23.60 10.00 -15.70
N ILE C 810 23.64 9.17 -16.75
CA ILE C 810 22.40 8.56 -17.26
C ILE C 810 21.79 7.67 -16.19
N ASN C 811 22.61 6.87 -15.50
CA ASN C 811 22.09 6.02 -14.43
C ASN C 811 21.54 6.85 -13.28
N ILE C 812 22.24 7.94 -12.90
CA ILE C 812 21.74 8.82 -11.86
C ILE C 812 20.39 9.39 -12.24
N VAL C 813 20.24 9.81 -13.50
CA VAL C 813 18.93 10.23 -14.00
C VAL C 813 17.91 9.12 -13.81
N LYS C 814 18.24 7.91 -14.26
CA LYS C 814 17.28 6.81 -14.26
C LYS C 814 16.76 6.50 -12.85
N MET C 815 17.66 6.42 -11.87
CA MET C 815 17.23 6.04 -10.53
C MET C 815 17.00 7.22 -9.58
N ALA C 816 17.10 8.46 -10.06
CA ALA C 816 16.82 9.59 -9.18
C ALA C 816 15.69 10.48 -9.66
N ILE C 817 15.63 10.80 -10.95
CA ILE C 817 14.70 11.79 -11.44
C ILE C 817 13.47 11.14 -12.07
N LEU C 818 13.62 9.94 -12.61
CA LEU C 818 12.50 9.25 -13.24
C LEU C 818 11.39 8.87 -12.26
N PRO C 819 11.67 8.25 -11.10
CA PRO C 819 10.56 7.88 -10.22
C PRO C 819 9.74 9.06 -9.73
N LYS C 820 10.38 10.22 -9.50
CA LYS C 820 9.63 11.39 -9.06
C LYS C 820 8.62 11.84 -10.10
N VAL C 821 9.02 11.83 -11.37
CA VAL C 821 8.12 12.23 -12.44
C VAL C 821 7.03 11.17 -12.63
N ILE C 822 7.40 9.89 -12.54
CA ILE C 822 6.41 8.83 -12.73
C ILE C 822 5.35 8.88 -11.64
N TYR C 823 5.76 9.17 -10.40
CA TYR C 823 4.79 9.29 -9.31
C TYR C 823 3.80 10.41 -9.58
N ARG C 824 4.28 11.57 -10.04
CA ARG C 824 3.38 12.67 -10.36
C ARG C 824 2.45 12.32 -11.51
N PHE C 825 2.98 11.65 -12.54
CA PHE C 825 2.13 11.23 -13.66
C PHE C 825 1.05 10.27 -13.20
N ASN C 826 1.41 9.31 -12.34
CA ASN C 826 0.42 8.36 -11.83
C ASN C 826 -0.63 9.06 -10.99
N ALA C 827 -0.20 10.00 -10.14
CA ALA C 827 -1.15 10.70 -9.28
C ALA C 827 -2.05 11.63 -10.10
N ILE C 828 -1.46 12.45 -10.97
CA ILE C 828 -2.22 13.43 -11.74
C ILE C 828 -1.88 13.30 -13.22
N PRO C 829 -2.44 12.32 -13.94
CA PRO C 829 -2.25 12.25 -15.40
C PRO C 829 -3.24 13.12 -16.17
N ILE C 830 -2.91 14.40 -16.26
CA ILE C 830 -3.76 15.37 -16.95
C ILE C 830 -3.07 15.80 -18.25
N LYS C 831 -3.81 16.52 -19.08
CA LYS C 831 -3.26 17.04 -20.32
C LYS C 831 -2.16 18.06 -20.02
N LEU C 832 -1.03 17.93 -20.71
CA LEU C 832 0.12 18.78 -20.49
C LEU C 832 0.56 19.43 -21.79
N PRO C 833 0.86 20.73 -21.80
CA PRO C 833 1.40 21.34 -23.01
C PRO C 833 2.80 20.80 -23.32
N MET C 834 3.13 20.81 -24.61
CA MET C 834 4.41 20.27 -25.06
C MET C 834 5.61 21.06 -24.57
N THR C 835 5.40 22.30 -24.11
CA THR C 835 6.52 23.08 -23.58
C THR C 835 7.11 22.42 -22.34
N PHE C 836 6.27 21.84 -21.49
CA PHE C 836 6.76 21.14 -20.31
C PHE C 836 7.72 20.02 -20.69
N PHE C 837 7.30 19.15 -21.61
CA PHE C 837 8.16 18.05 -22.05
C PHE C 837 9.40 18.57 -22.76
N THR C 838 9.27 19.61 -23.58
CA THR C 838 10.42 20.15 -24.30
C THR C 838 11.48 20.66 -23.32
N GLU C 839 11.06 21.43 -22.32
CA GLU C 839 12.04 21.99 -21.40
C GLU C 839 12.59 20.94 -20.43
N LEU C 840 11.77 19.95 -20.06
CA LEU C 840 12.28 18.83 -19.27
C LEU C 840 13.35 18.06 -20.03
N GLU C 841 13.10 17.78 -21.31
CA GLU C 841 14.08 17.09 -22.13
C GLU C 841 15.34 17.94 -22.30
N LYS C 842 15.16 19.25 -22.47
CA LYS C 842 16.32 20.14 -22.59
C LYS C 842 17.17 20.09 -21.33
N THR C 843 16.55 20.15 -20.15
CA THR C 843 17.31 20.08 -18.90
C THR C 843 18.00 18.73 -18.76
N THR C 844 17.31 17.64 -19.09
CA THR C 844 17.91 16.32 -18.97
C THR C 844 19.11 16.16 -19.89
N LEU C 845 19.02 16.66 -21.13
CA LEU C 845 20.14 16.56 -22.05
C LEU C 845 21.32 17.42 -21.61
N LYS C 846 21.05 18.59 -21.04
CA LYS C 846 22.14 19.38 -20.45
C LYS C 846 22.81 18.63 -19.30
N PHE C 847 22.00 17.93 -18.50
CA PHE C 847 22.57 17.09 -17.44
C PHE C 847 23.47 16.02 -18.02
N ILE C 848 23.03 15.36 -19.09
CA ILE C 848 23.71 14.17 -19.58
C ILE C 848 25.08 14.51 -20.14
N TRP C 849 25.16 15.52 -21.00
CA TRP C 849 26.39 15.81 -21.70
C TRP C 849 27.38 16.65 -20.89
N ASN C 850 26.99 17.09 -19.69
CA ASN C 850 27.84 17.90 -18.81
C ASN C 850 28.30 19.15 -19.57
N GLN C 851 27.30 19.99 -19.87
CA GLN C 851 27.51 21.30 -20.50
C GLN C 851 28.24 21.18 -21.83
N LYS C 852 28.05 20.07 -22.54
CA LYS C 852 28.64 19.88 -23.86
C LYS C 852 27.55 19.46 -24.86
N ARG C 853 27.97 19.15 -26.07
CA ARG C 853 27.07 18.72 -27.12
C ARG C 853 26.99 17.20 -27.16
N ALA C 854 25.98 16.70 -27.88
CA ALA C 854 25.78 15.26 -27.98
C ALA C 854 26.93 14.61 -28.75
N ARG C 855 27.35 13.44 -28.28
CA ARG C 855 28.41 12.68 -28.93
C ARG C 855 27.91 11.54 -29.80
N ILE C 856 26.78 10.93 -29.43
CA ILE C 856 26.17 9.85 -30.20
C ILE C 856 24.72 10.22 -30.47
N ALA C 857 24.15 9.59 -31.48
CA ALA C 857 22.77 9.88 -31.88
C ALA C 857 21.80 9.53 -30.76
N LYS C 858 20.83 10.42 -30.55
CA LYS C 858 19.84 10.20 -29.49
C LYS C 858 19.00 8.95 -29.75
N SER C 859 18.61 8.74 -31.01
CA SER C 859 17.76 7.60 -31.35
C SER C 859 18.49 6.28 -31.10
N ILE C 860 19.78 6.22 -31.44
CA ILE C 860 20.54 4.98 -31.27
C ILE C 860 20.65 4.62 -29.79
N LEU C 861 20.96 5.61 -28.95
CA LEU C 861 21.10 5.34 -27.52
C LEU C 861 19.75 5.06 -26.87
N SER C 862 18.66 5.58 -27.45
CA SER C 862 17.34 5.32 -26.90
C SER C 862 16.84 3.91 -27.17
N GLN C 863 17.53 3.16 -28.03
CA GLN C 863 17.12 1.79 -28.35
C GLN C 863 17.48 0.85 -27.21
N LYS C 864 17.12 -0.41 -27.36
CA LYS C 864 17.36 -1.40 -26.32
C LYS C 864 18.84 -1.78 -26.27
N ASN C 865 19.21 -2.50 -25.21
CA ASN C 865 20.60 -2.92 -25.05
C ASN C 865 21.04 -3.88 -26.15
N LYS C 866 20.12 -4.68 -26.67
CA LYS C 866 20.47 -5.58 -27.77
C LYS C 866 20.83 -4.82 -29.03
N ALA C 867 20.28 -3.62 -29.20
CA ALA C 867 20.58 -2.77 -30.36
C ALA C 867 21.82 -1.92 -30.15
N GLY C 868 22.45 -1.99 -28.97
CA GLY C 868 23.64 -1.22 -28.68
C GLY C 868 23.41 0.02 -27.85
N GLY C 869 22.16 0.45 -27.67
CA GLY C 869 21.88 1.63 -26.90
C GLY C 869 21.88 1.38 -25.40
N ILE C 870 21.73 2.47 -24.65
CA ILE C 870 21.68 2.42 -23.20
C ILE C 870 20.27 2.74 -22.69
N THR C 871 19.30 2.75 -23.60
CA THR C 871 17.89 2.98 -23.27
C THR C 871 17.68 4.31 -22.56
N LEU C 872 17.96 5.39 -23.29
CA LEU C 872 17.70 6.72 -22.78
C LEU C 872 16.20 6.88 -22.52
N PRO C 873 15.79 7.34 -21.34
CA PRO C 873 14.36 7.41 -21.03
C PRO C 873 13.64 8.41 -21.93
N ASP C 874 12.39 8.09 -22.24
CA ASP C 874 11.53 8.94 -23.07
C ASP C 874 10.31 9.31 -22.23
N PHE C 875 10.32 10.52 -21.67
CA PHE C 875 9.26 10.95 -20.78
C PHE C 875 7.90 11.02 -21.47
N LYS C 876 7.88 11.31 -22.77
CA LYS C 876 6.60 11.31 -23.50
C LYS C 876 5.98 9.92 -23.52
N LEU C 877 6.79 8.90 -23.76
CA LEU C 877 6.27 7.53 -23.75
C LEU C 877 5.81 7.11 -22.37
N TYR C 878 6.55 7.51 -21.33
CA TYR C 878 6.12 7.21 -19.97
C TYR C 878 4.79 7.88 -19.64
N TYR C 879 4.63 9.13 -20.06
CA TYR C 879 3.36 9.83 -19.86
C TYR C 879 2.23 9.13 -20.60
N LYS C 880 2.49 8.70 -21.84
CA LYS C 880 1.46 8.00 -22.61
C LYS C 880 1.07 6.68 -21.93
N ALA C 881 2.06 5.93 -21.47
CA ALA C 881 1.78 4.68 -20.78
C ALA C 881 0.98 4.90 -19.50
N THR C 882 1.37 5.90 -18.71
CA THR C 882 0.66 6.18 -17.47
C THR C 882 -0.77 6.60 -17.74
N VAL C 883 -1.00 7.40 -18.78
CA VAL C 883 -2.36 7.80 -19.13
C VAL C 883 -3.18 6.60 -19.57
N THR C 884 -2.61 5.75 -20.44
CA THR C 884 -3.35 4.61 -20.97
C THR C 884 -3.50 3.47 -19.97
N LYS C 885 -2.79 3.51 -18.84
CA LYS C 885 -2.87 2.42 -17.87
C LYS C 885 -4.28 2.21 -17.33
N THR C 886 -5.12 3.24 -17.35
CA THR C 886 -6.46 3.13 -16.77
C THR C 886 -7.35 2.16 -17.55
N ALA C 887 -6.98 1.81 -18.78
CA ALA C 887 -7.80 0.88 -19.55
C ALA C 887 -7.84 -0.50 -18.91
N TRP C 888 -6.78 -0.89 -18.20
CA TRP C 888 -6.78 -2.18 -17.51
C TRP C 888 -7.87 -2.22 -16.45
N TYR C 889 -7.94 -1.19 -15.61
CA TYR C 889 -9.01 -1.12 -14.62
C TYR C 889 -10.38 -0.89 -15.24
N TRP C 890 -10.44 -0.28 -16.42
CA TRP C 890 -11.70 -0.21 -17.15
C TRP C 890 -12.19 -1.60 -17.54
N TYR C 891 -11.30 -2.43 -18.09
CA TYR C 891 -11.70 -3.74 -18.56
C TYR C 891 -11.99 -4.69 -17.39
N GLN C 892 -11.17 -4.65 -16.35
CA GLN C 892 -11.32 -5.59 -15.25
C GLN C 892 -12.64 -5.37 -14.51
N ASN C 893 -13.10 -4.12 -14.45
CA ASN C 893 -14.35 -3.76 -13.78
C ASN C 893 -14.36 -4.23 -12.32
N ARG C 894 -13.22 -4.06 -11.65
CA ARG C 894 -13.12 -4.43 -10.25
C ARG C 894 -14.08 -3.60 -9.40
N ASP C 895 -14.74 -4.24 -8.45
CA ASP C 895 -15.64 -3.53 -7.55
C ASP C 895 -14.92 -2.92 -6.35
N ILE C 896 -13.66 -3.30 -6.11
CA ILE C 896 -12.95 -2.79 -4.94
C ILE C 896 -12.60 -1.31 -5.11
N ASP C 897 -12.39 -0.86 -6.35
CA ASP C 897 -12.00 0.52 -6.59
C ASP C 897 -13.22 1.40 -6.81
N GLN C 898 -13.19 2.58 -6.19
CA GLN C 898 -14.27 3.55 -6.32
C GLN C 898 -13.85 4.84 -6.99
N TRP C 899 -12.55 5.06 -7.20
CA TRP C 899 -12.08 6.30 -7.82
C TRP C 899 -12.55 6.42 -9.26
N ASN C 900 -12.70 5.30 -9.96
CA ASN C 900 -13.09 5.33 -11.37
C ASN C 900 -14.55 5.72 -11.55
N ARG C 901 -15.35 5.66 -10.50
CA ARG C 901 -16.78 5.97 -10.58
C ARG C 901 -17.13 7.35 -10.04
N THR C 902 -16.13 8.15 -9.66
CA THR C 902 -16.37 9.45 -9.06
C THR C 902 -16.37 10.60 -10.06
N GLU C 903 -16.23 10.32 -11.34
CA GLU C 903 -16.20 11.38 -12.33
C GLU C 903 -17.55 12.07 -12.43
N PRO C 904 -17.57 13.38 -12.68
CA PRO C 904 -18.85 14.09 -12.80
C PRO C 904 -19.48 13.81 -14.15
N SER C 905 -20.77 13.47 -14.14
CA SER C 905 -21.49 13.09 -15.36
C SER C 905 -22.93 13.58 -15.26
N GLU C 906 -23.25 14.64 -15.99
CA GLU C 906 -24.63 15.09 -16.16
C GLU C 906 -25.36 14.29 -17.23
N ILE C 907 -24.82 13.14 -17.61
CA ILE C 907 -25.34 12.32 -18.70
C ILE C 907 -25.69 10.94 -18.17
N MET C 908 -26.06 10.02 -19.07
CA MET C 908 -26.42 8.65 -18.75
C MET C 908 -25.34 7.97 -17.90
N PRO C 909 -25.67 6.87 -17.19
CA PRO C 909 -24.73 6.31 -16.21
C PRO C 909 -23.45 5.75 -16.81
N HIS C 910 -22.65 5.12 -15.94
CA HIS C 910 -21.28 4.70 -16.21
C HIS C 910 -21.09 4.18 -17.63
N ILE C 911 -20.06 4.72 -18.30
CA ILE C 911 -19.77 4.35 -19.67
C ILE C 911 -18.43 3.60 -19.80
N TYR C 912 -17.48 3.86 -18.91
CA TYR C 912 -16.13 3.30 -19.05
C TYR C 912 -16.12 1.79 -18.99
N ASN C 913 -17.15 1.16 -18.42
CA ASN C 913 -17.21 -0.30 -18.40
C ASN C 913 -17.34 -0.87 -19.82
N TYR C 914 -18.24 -0.31 -20.60
CA TYR C 914 -18.47 -0.76 -21.98
C TYR C 914 -17.68 0.07 -22.98
N LEU C 915 -16.38 0.22 -22.77
CA LEU C 915 -15.52 0.96 -23.69
C LEU C 915 -14.36 0.13 -24.21
N ILE C 916 -13.72 -0.67 -23.37
CA ILE C 916 -12.57 -1.46 -23.79
C ILE C 916 -13.07 -2.74 -24.45
N PHE C 917 -12.71 -2.92 -25.73
CA PHE C 917 -13.11 -4.09 -26.51
C PHE C 917 -14.64 -4.25 -26.51
N ASP C 918 -15.31 -3.20 -26.97
CA ASP C 918 -16.76 -3.19 -26.99
C ASP C 918 -17.25 -2.44 -28.22
N LYS C 919 -18.56 -2.47 -28.43
CA LYS C 919 -19.15 -1.86 -29.60
C LYS C 919 -18.95 -0.35 -29.58
N PRO C 920 -18.56 0.27 -30.70
CA PRO C 920 -18.40 1.73 -30.71
C PRO C 920 -19.73 2.44 -30.65
N GLU C 921 -20.03 3.05 -29.51
CA GLU C 921 -21.31 3.71 -29.31
C GLU C 921 -21.21 5.17 -29.71
N LYS C 922 -22.23 5.64 -30.43
CA LYS C 922 -22.25 6.99 -30.98
C LYS C 922 -23.22 7.87 -30.19
N ASN C 923 -23.25 9.15 -30.58
CA ASN C 923 -24.15 10.15 -29.98
C ASN C 923 -23.92 10.30 -28.48
N LYS C 924 -22.67 10.13 -28.04
CA LYS C 924 -22.29 10.31 -26.65
C LYS C 924 -20.89 10.92 -26.61
N GLN C 925 -20.82 12.19 -26.24
CA GLN C 925 -19.55 12.94 -26.23
C GLN C 925 -19.18 13.25 -24.79
N TRP C 926 -18.10 12.63 -24.31
CA TRP C 926 -17.55 12.94 -23.00
C TRP C 926 -16.60 14.12 -23.08
N GLY C 927 -16.20 14.62 -21.92
CA GLY C 927 -15.31 15.76 -21.82
C GLY C 927 -15.90 16.81 -20.92
N LYS C 928 -15.36 18.02 -21.03
CA LYS C 928 -15.78 19.16 -20.23
C LYS C 928 -15.74 18.82 -18.74
N ASP C 929 -16.75 18.07 -18.28
CA ASP C 929 -16.76 17.62 -16.89
C ASP C 929 -15.57 16.71 -16.59
N SER C 930 -15.25 15.82 -17.52
CA SER C 930 -14.16 14.88 -17.31
C SER C 930 -12.82 15.61 -17.23
N LEU C 931 -11.91 15.04 -16.45
CA LEU C 931 -10.61 15.67 -16.23
C LEU C 931 -9.50 14.64 -16.45
N LEU C 932 -9.82 13.36 -16.25
CA LEU C 932 -8.79 12.32 -16.22
C LEU C 932 -9.08 11.12 -17.11
N ASN C 933 -10.33 10.90 -17.52
CA ASN C 933 -10.68 9.68 -18.24
C ASN C 933 -10.80 9.90 -19.75
N LYS C 934 -11.33 11.04 -20.18
CA LYS C 934 -11.50 11.29 -21.61
C LYS C 934 -10.15 11.28 -22.33
N TRP C 935 -9.13 11.89 -21.72
CA TRP C 935 -7.79 11.84 -22.27
C TRP C 935 -7.28 10.41 -22.39
N CYS C 936 -7.59 9.56 -21.40
CA CYS C 936 -7.23 8.15 -21.49
C CYS C 936 -7.88 7.49 -22.69
N TRP C 937 -9.17 7.77 -22.92
CA TRP C 937 -9.86 7.16 -24.05
C TRP C 937 -9.27 7.64 -25.37
N GLU C 938 -8.95 8.94 -25.47
CA GLU C 938 -8.35 9.46 -26.69
C GLU C 938 -6.99 8.82 -26.96
N ASN C 939 -6.17 8.71 -25.93
CA ASN C 939 -4.85 8.09 -26.09
C ASN C 939 -4.96 6.59 -26.38
N TRP C 940 -6.00 5.93 -25.87
CA TRP C 940 -6.23 4.53 -26.19
C TRP C 940 -6.61 4.37 -27.66
N LEU C 941 -7.52 5.21 -28.14
CA LEU C 941 -7.93 5.14 -29.54
C LEU C 941 -6.76 5.45 -30.47
N ALA C 942 -5.94 6.43 -30.12
CA ALA C 942 -4.81 6.78 -30.98
C ALA C 942 -3.85 5.61 -31.15
N ILE C 943 -3.47 4.95 -30.06
CA ILE C 943 -2.54 3.83 -30.15
C ILE C 943 -3.20 2.60 -30.77
N CYS C 944 -4.51 2.41 -30.57
CA CYS C 944 -5.19 1.31 -31.25
C CYS C 944 -5.20 1.52 -32.76
N ARG C 945 -5.46 2.74 -33.20
CA ARG C 945 -5.43 3.04 -34.64
C ARG C 945 -4.02 2.91 -35.19
N LYS C 946 -3.01 3.32 -34.41
CA LYS C 946 -1.63 3.17 -34.87
C LYS C 946 -1.27 1.69 -35.02
N LEU C 947 -1.91 0.81 -34.25
CA LEU C 947 -1.67 -0.62 -34.37
C LEU C 947 -2.39 -1.27 -35.54
N LYS C 948 -3.32 -0.54 -36.17
CA LYS C 948 -4.08 -1.05 -37.31
C LYS C 948 -4.79 -2.36 -36.98
N LEU C 949 -5.42 -2.40 -35.80
CA LEU C 949 -6.23 -3.53 -35.38
C LEU C 949 -7.58 -3.04 -34.91
N ASP C 950 -8.59 -3.87 -35.08
CA ASP C 950 -9.95 -3.51 -34.68
C ASP C 950 -10.08 -3.63 -33.17
N PRO C 951 -10.41 -2.54 -32.46
CA PRO C 951 -10.58 -2.61 -31.00
C PRO C 951 -12.02 -2.80 -30.54
N PHE C 952 -12.96 -3.07 -31.44
CA PHE C 952 -14.37 -3.15 -31.07
C PHE C 952 -14.94 -4.57 -31.14
N LEU C 953 -14.28 -5.48 -31.82
CA LEU C 953 -14.66 -6.90 -31.80
C LEU C 953 -13.37 -7.71 -31.78
N THR C 954 -13.09 -8.34 -30.65
CA THR C 954 -11.84 -9.04 -30.40
C THR C 954 -12.14 -10.37 -29.74
N PRO C 955 -11.21 -11.32 -29.79
CA PRO C 955 -11.43 -12.59 -29.09
C PRO C 955 -11.63 -12.42 -27.59
N TYR C 956 -11.16 -11.31 -27.01
CA TYR C 956 -11.26 -11.06 -25.58
C TYR C 956 -12.52 -10.29 -25.21
N THR C 957 -13.44 -10.08 -26.16
CA THR C 957 -14.68 -9.39 -25.87
C THR C 957 -15.48 -10.14 -24.82
N LYS C 958 -16.00 -9.41 -23.84
CA LYS C 958 -16.76 -10.02 -22.76
C LYS C 958 -18.14 -10.46 -23.24
N ILE C 959 -18.68 -11.48 -22.57
CA ILE C 959 -20.08 -11.85 -22.81
C ILE C 959 -21.00 -10.73 -22.35
N ASN C 960 -20.63 -10.03 -21.28
CA ASN C 960 -21.41 -8.93 -20.75
C ASN C 960 -21.18 -7.63 -21.52
N SER C 961 -20.62 -7.70 -22.73
CA SER C 961 -20.42 -6.50 -23.53
C SER C 961 -21.74 -6.02 -24.12
N ARG C 962 -21.74 -4.78 -24.57
CA ARG C 962 -22.92 -4.20 -25.21
C ARG C 962 -23.18 -4.79 -26.60
N TRP C 963 -22.24 -5.57 -27.13
CA TRP C 963 -22.38 -6.09 -28.48
C TRP C 963 -23.58 -7.04 -28.61
N ILE C 964 -23.98 -7.69 -27.52
CA ILE C 964 -25.07 -8.66 -27.58
C ILE C 964 -26.28 -8.27 -26.75
N LYS C 965 -26.17 -7.27 -25.87
CA LYS C 965 -27.36 -6.77 -25.19
C LYS C 965 -27.99 -5.58 -25.89
N ASP C 966 -27.38 -5.09 -26.98
CA ASP C 966 -28.09 -4.14 -27.83
C ASP C 966 -29.32 -4.80 -28.45
N LEU C 967 -29.19 -6.05 -28.87
CA LEU C 967 -30.34 -6.87 -29.18
C LEU C 967 -30.87 -7.50 -27.89
N ASN C 968 -32.20 -7.61 -27.81
CA ASN C 968 -32.84 -8.05 -26.58
C ASN C 968 -32.39 -9.45 -26.19
N VAL C 969 -32.02 -9.62 -24.93
CA VAL C 969 -31.59 -10.89 -24.36
C VAL C 969 -32.10 -10.99 -22.93
N LYS C 970 -31.81 -12.11 -22.27
CA LYS C 970 -32.21 -12.33 -20.90
C LYS C 970 -30.99 -12.39 -20.00
N PRO C 971 -30.98 -11.68 -18.87
CA PRO C 971 -29.79 -11.67 -18.01
C PRO C 971 -29.38 -13.05 -17.51
N LYS C 972 -30.34 -13.94 -17.27
CA LYS C 972 -30.02 -15.24 -16.69
C LYS C 972 -29.14 -16.08 -17.61
N THR C 973 -29.23 -15.86 -18.93
CA THR C 973 -28.45 -16.65 -19.87
C THR C 973 -26.96 -16.41 -19.70
N ILE C 974 -26.56 -15.16 -19.46
CA ILE C 974 -25.14 -14.82 -19.43
C ILE C 974 -24.43 -15.54 -18.30
N LYS C 975 -25.01 -15.52 -17.09
CA LYS C 975 -24.37 -16.12 -15.93
C LYS C 975 -24.22 -17.64 -16.04
N THR C 976 -24.99 -18.27 -16.93
CA THR C 976 -24.83 -19.72 -17.12
C THR C 976 -23.47 -20.04 -17.72
N LEU C 977 -23.18 -19.46 -18.89
CA LEU C 977 -21.87 -19.68 -19.51
C LEU C 977 -20.76 -18.93 -18.80
N GLU C 978 -21.09 -17.91 -18.01
CA GLU C 978 -20.07 -17.23 -17.22
C GLU C 978 -19.48 -18.17 -16.17
N GLU C 979 -20.33 -18.94 -15.50
CA GLU C 979 -19.87 -19.91 -14.52
C GLU C 979 -19.58 -21.28 -15.11
N ASN C 980 -19.97 -21.52 -16.37
CA ASN C 980 -19.71 -22.80 -17.02
C ASN C 980 -18.52 -22.77 -17.96
N LEU C 981 -18.39 -21.71 -18.78
CA LEU C 981 -17.33 -21.63 -19.77
C LEU C 981 -16.33 -20.52 -19.46
N GLY C 982 -16.80 -19.29 -19.30
CA GLY C 982 -15.90 -18.18 -19.05
C GLY C 982 -16.56 -16.85 -19.41
N ILE C 983 -15.72 -15.87 -19.71
CA ILE C 983 -16.18 -14.52 -19.99
C ILE C 983 -15.87 -14.05 -21.40
N THR C 984 -14.92 -14.67 -22.10
CA THR C 984 -14.58 -14.25 -23.45
C THR C 984 -15.64 -14.72 -24.44
N ILE C 985 -15.75 -13.98 -25.55
CA ILE C 985 -16.67 -14.36 -26.61
C ILE C 985 -16.14 -15.50 -27.47
N GLN C 986 -14.86 -15.85 -27.33
CA GLN C 986 -14.31 -16.95 -28.12
C GLN C 986 -14.72 -18.31 -27.56
N ASP C 987 -14.74 -18.46 -26.24
CA ASP C 987 -14.96 -19.77 -25.65
C ASP C 987 -16.41 -20.23 -25.75
N ILE C 988 -17.37 -19.29 -25.76
CA ILE C 988 -18.76 -19.67 -25.93
C ILE C 988 -18.98 -20.34 -27.28
N GLY C 989 -18.38 -19.80 -28.33
CA GLY C 989 -18.46 -20.40 -29.64
C GLY C 989 -18.84 -19.43 -30.74
N VAL C 990 -18.14 -19.52 -31.87
CA VAL C 990 -18.43 -18.69 -33.03
C VAL C 990 -18.47 -19.59 -34.27
N GLY C 991 -19.17 -19.10 -35.29
CA GLY C 991 -19.32 -19.89 -36.50
C GLY C 991 -20.18 -21.11 -36.25
N LYS C 992 -19.64 -22.28 -36.61
CA LYS C 992 -20.36 -23.54 -36.46
C LYS C 992 -20.21 -24.14 -35.07
N ASP C 993 -19.45 -23.51 -34.18
CA ASP C 993 -19.22 -24.00 -32.83
C ASP C 993 -20.06 -23.27 -31.79
N PHE C 994 -21.22 -22.73 -32.20
CA PHE C 994 -22.07 -21.97 -31.28
C PHE C 994 -22.51 -22.85 -30.11
N MET C 995 -22.05 -22.49 -28.91
CA MET C 995 -22.28 -23.20 -27.65
C MET C 995 -22.14 -24.72 -27.80
N SER C 996 -21.28 -25.17 -28.71
CA SER C 996 -20.97 -26.59 -28.84
C SER C 996 -19.55 -26.72 -29.39
N LYS C 997 -18.58 -26.82 -28.49
CA LYS C 997 -17.20 -27.09 -28.89
C LYS C 997 -16.50 -28.13 -28.04
N THR C 998 -16.95 -28.40 -26.82
CA THR C 998 -16.37 -29.38 -25.92
C THR C 998 -17.50 -30.18 -25.29
N PRO C 999 -17.23 -31.40 -24.82
CA PRO C 999 -18.31 -32.20 -24.23
C PRO C 999 -19.05 -31.50 -23.10
N LYS C 1000 -18.35 -30.72 -22.28
CA LYS C 1000 -19.04 -29.92 -21.25
C LYS C 1000 -19.97 -28.90 -21.90
N ALA C 1001 -19.49 -28.22 -22.94
CA ALA C 1001 -20.34 -27.30 -23.67
C ALA C 1001 -21.45 -28.04 -24.42
N MET C 1002 -21.16 -29.25 -24.91
CA MET C 1002 -22.21 -30.03 -25.57
C MET C 1002 -23.33 -30.37 -24.59
N ALA C 1003 -22.99 -30.71 -23.35
CA ALA C 1003 -24.00 -30.99 -22.34
C ALA C 1003 -24.68 -29.71 -21.82
N THR C 1004 -23.99 -28.58 -21.88
CA THR C 1004 -24.57 -27.31 -21.45
C THR C 1004 -25.39 -26.63 -22.53
N LYS C 1005 -25.32 -27.13 -23.77
CA LYS C 1005 -26.05 -26.50 -24.87
C LYS C 1005 -27.55 -26.42 -24.59
N ASP C 1006 -28.15 -27.50 -24.09
CA ASP C 1006 -29.58 -27.50 -23.85
C ASP C 1006 -29.97 -26.66 -22.64
N LYS C 1007 -29.00 -26.32 -21.78
CA LYS C 1007 -29.29 -25.49 -20.61
C LYS C 1007 -29.74 -24.09 -21.03
N ILE C 1008 -29.11 -23.52 -22.06
CA ILE C 1008 -29.44 -22.17 -22.49
C ILE C 1008 -30.80 -22.16 -23.19
N ASP C 1009 -31.51 -21.04 -23.05
CA ASP C 1009 -32.84 -20.91 -23.63
C ASP C 1009 -32.76 -20.86 -25.16
N LYS C 1010 -33.79 -21.41 -25.81
CA LYS C 1010 -33.80 -21.52 -27.26
C LYS C 1010 -33.96 -20.15 -27.92
N TRP C 1011 -34.79 -19.28 -27.36
CA TRP C 1011 -34.98 -17.96 -27.95
C TRP C 1011 -33.69 -17.14 -27.92
N ASP C 1012 -32.86 -17.35 -26.91
CA ASP C 1012 -31.53 -16.74 -26.90
C ASP C 1012 -30.59 -17.45 -27.86
N LEU C 1013 -30.72 -18.78 -27.96
CA LEU C 1013 -29.84 -19.55 -28.81
C LEU C 1013 -29.99 -19.17 -30.28
N ILE C 1014 -31.23 -18.93 -30.71
CA ILE C 1014 -31.45 -18.56 -32.11
C ILE C 1014 -30.84 -17.19 -32.41
N LYS C 1015 -30.78 -16.31 -31.42
CA LYS C 1015 -30.15 -15.01 -31.63
C LYS C 1015 -28.64 -15.12 -31.70
N LEU C 1016 -28.06 -15.83 -30.73
CA LEU C 1016 -26.62 -16.02 -30.65
C LEU C 1016 -26.10 -16.70 -31.91
N LYS C 1017 -26.82 -17.71 -32.37
CA LYS C 1017 -26.44 -18.44 -33.56
C LYS C 1017 -26.32 -17.46 -34.73
N SER C 1018 -27.41 -16.76 -35.01
CA SER C 1018 -27.43 -15.79 -36.10
C SER C 1018 -26.31 -14.77 -35.95
N PHE C 1019 -26.03 -14.35 -34.73
CA PHE C 1019 -24.95 -13.40 -34.50
C PHE C 1019 -23.60 -13.98 -34.89
N CYS C 1020 -23.37 -15.26 -34.59
CA CYS C 1020 -22.10 -15.91 -34.90
C CYS C 1020 -22.05 -16.48 -36.31
N THR C 1021 -23.16 -16.49 -37.04
CA THR C 1021 -23.16 -16.97 -38.42
C THR C 1021 -22.50 -16.01 -39.39
N ALA C 1022 -22.43 -14.72 -39.05
CA ALA C 1022 -21.89 -13.73 -39.96
C ALA C 1022 -20.40 -13.98 -40.22
N LYS C 1023 -19.99 -13.76 -41.48
CA LYS C 1023 -18.59 -13.95 -41.85
C LYS C 1023 -17.69 -12.97 -41.13
N GLU C 1024 -18.11 -11.70 -41.04
CA GLU C 1024 -17.27 -10.68 -40.41
C GLU C 1024 -17.05 -10.99 -38.94
N THR C 1025 -18.09 -11.46 -38.24
CA THR C 1025 -17.92 -11.84 -36.84
C THR C 1025 -16.93 -12.98 -36.69
N THR C 1026 -17.04 -14.00 -37.55
CA THR C 1026 -16.13 -15.14 -37.45
C THR C 1026 -14.70 -14.74 -37.73
N ILE C 1027 -14.46 -13.90 -38.75
CA ILE C 1027 -13.10 -13.49 -39.04
C ILE C 1027 -12.56 -12.49 -38.00
N ARG C 1028 -13.44 -11.75 -37.33
CA ARG C 1028 -12.99 -10.84 -36.28
C ARG C 1028 -12.64 -11.58 -35.00
N VAL C 1029 -13.37 -12.63 -34.67
CA VAL C 1029 -13.14 -13.36 -33.43
C VAL C 1029 -12.04 -14.40 -33.56
N ASN C 1030 -12.05 -15.16 -34.66
CA ASN C 1030 -11.09 -16.25 -34.84
C ASN C 1030 -9.79 -15.69 -35.43
N ARG C 1031 -8.91 -15.24 -34.53
CA ARG C 1031 -7.57 -14.81 -34.91
C ARG C 1031 -6.67 -14.88 -33.68
N GLN C 1032 -5.38 -14.83 -33.93
CA GLN C 1032 -4.40 -14.84 -32.86
C GLN C 1032 -4.31 -13.44 -32.25
N PRO C 1033 -4.61 -13.27 -30.96
CA PRO C 1033 -4.51 -11.94 -30.35
C PRO C 1033 -3.07 -11.45 -30.31
N THR C 1034 -2.91 -10.14 -30.45
CA THR C 1034 -1.58 -9.55 -30.39
C THR C 1034 -1.12 -9.40 -28.94
N THR C 1035 0.12 -8.93 -28.77
CA THR C 1035 0.64 -8.70 -27.43
C THR C 1035 -0.12 -7.58 -26.73
N TRP C 1036 -0.56 -6.58 -27.50
CA TRP C 1036 -1.26 -5.44 -26.91
C TRP C 1036 -2.57 -5.87 -26.26
N GLU C 1037 -3.32 -6.74 -26.93
CA GLU C 1037 -4.55 -7.24 -26.33
C GLU C 1037 -4.26 -8.10 -25.10
N LYS C 1038 -3.22 -8.92 -25.17
CA LYS C 1038 -2.86 -9.76 -24.03
C LYS C 1038 -2.45 -8.93 -22.83
N ILE C 1039 -1.88 -7.75 -23.05
CA ILE C 1039 -1.48 -6.89 -21.94
C ILE C 1039 -2.70 -6.50 -21.12
N PHE C 1040 -3.80 -6.16 -21.78
CA PHE C 1040 -4.97 -5.63 -21.09
C PHE C 1040 -6.01 -6.70 -20.77
N ALA C 1041 -5.89 -7.91 -21.32
CA ALA C 1041 -6.98 -8.88 -21.18
C ALA C 1041 -6.60 -10.10 -20.35
N THR C 1042 -5.56 -10.85 -20.73
CA THR C 1042 -5.29 -12.11 -20.05
C THR C 1042 -4.63 -11.92 -18.69
N TYR C 1043 -3.88 -10.83 -18.51
CA TYR C 1043 -3.20 -10.59 -17.25
C TYR C 1043 -4.19 -10.08 -16.21
N SER C 1044 -4.13 -10.66 -15.01
CA SER C 1044 -5.00 -10.28 -13.91
C SER C 1044 -4.24 -9.61 -12.76
N SER C 1045 -3.01 -9.19 -13.01
CA SER C 1045 -2.18 -8.55 -12.00
C SER C 1045 -1.58 -7.26 -12.56
N ASP C 1046 -1.34 -6.30 -11.67
CA ASP C 1046 -0.80 -5.00 -12.05
C ASP C 1046 0.71 -4.90 -11.82
N LYS C 1047 1.37 -6.01 -11.50
CA LYS C 1047 2.80 -6.01 -11.20
C LYS C 1047 3.58 -5.84 -12.49
N GLY C 1048 3.74 -4.59 -12.90
CA GLY C 1048 4.53 -4.28 -14.07
C GLY C 1048 3.72 -3.84 -15.27
N LEU C 1049 2.55 -3.23 -15.02
CA LEU C 1049 1.72 -2.75 -16.11
C LEU C 1049 2.41 -1.65 -16.89
N ILE C 1050 2.97 -0.66 -16.18
CA ILE C 1050 3.61 0.47 -16.85
C ILE C 1050 4.82 0.01 -17.64
N SER C 1051 5.58 -0.94 -17.10
CA SER C 1051 6.76 -1.43 -17.81
C SER C 1051 6.37 -2.08 -19.14
N ARG C 1052 5.38 -2.97 -19.11
CA ARG C 1052 4.95 -3.64 -20.33
C ARG C 1052 4.38 -2.66 -21.34
N ILE C 1053 3.53 -1.74 -20.87
CA ILE C 1053 2.91 -0.79 -21.80
C ILE C 1053 3.96 0.12 -22.41
N TYR C 1054 4.92 0.58 -21.61
CA TYR C 1054 6.00 1.41 -22.14
C TYR C 1054 6.86 0.63 -23.13
N ASN C 1055 7.09 -0.65 -22.88
CA ASN C 1055 7.85 -1.46 -23.83
C ASN C 1055 7.12 -1.55 -25.16
N GLU C 1056 5.80 -1.79 -25.12
CA GLU C 1056 5.04 -1.84 -26.37
C GLU C 1056 5.06 -0.50 -27.09
N LEU C 1057 4.91 0.59 -26.34
CA LEU C 1057 4.96 1.92 -26.96
C LEU C 1057 6.33 2.19 -27.59
N LYS C 1058 7.41 1.80 -26.91
CA LYS C 1058 8.74 1.99 -27.45
C LYS C 1058 8.93 1.19 -28.73
N GLN C 1059 8.43 -0.04 -28.75
CA GLN C 1059 8.50 -0.83 -29.99
C GLN C 1059 7.71 -0.17 -31.10
N ILE C 1060 6.52 0.35 -30.79
CA ILE C 1060 5.69 0.96 -31.82
C ILE C 1060 6.26 2.30 -32.25
N TYR C 1061 6.61 3.15 -31.29
CA TYR C 1061 7.15 4.47 -31.59
C TYR C 1061 8.66 4.42 -31.74
PA TTP D . 3.46 9.54 10.80
O1A TTP D . 1.97 9.77 10.95
O2A TTP D . 3.88 9.84 9.37
O3A TTP D . 4.32 10.45 11.82
PB TTP D . 3.75 11.01 13.22
O1B TTP D . 2.26 10.85 13.34
O2B TTP D . 4.45 10.33 14.37
O3B TTP D . 4.15 12.57 13.16
PG TTP D . 4.17 13.43 14.52
O1G TTP D . 5.52 13.29 15.19
O2G TTP D . 3.94 14.89 14.18
O3G TTP D . 3.09 12.96 15.45
O5' TTP D . 3.86 8.04 11.18
C5' TTP D . 3.01 6.97 10.78
C4' TTP D . 3.47 5.67 11.41
O4' TTP D . 4.28 4.95 10.47
C3' TTP D . 4.34 5.91 12.62
O3' TTP D . 3.59 5.78 13.82
C2' TTP D . 5.43 4.85 12.55
C1' TTP D . 5.41 4.36 11.11
N1 TTP D . 6.63 4.81 10.44
C2 TTP D . 7.79 4.01 10.47
O2 TTP D . 7.74 2.91 11.06
N3 TTP D . 8.92 4.39 9.86
C4 TTP D . 8.98 5.56 9.22
O4 TTP D . 10.05 5.91 8.65
C5 TTP D . 7.78 6.43 9.17
C5M TTP D . 7.82 7.75 8.45
C6 TTP D . 6.64 6.00 9.80
MG MG E . -0.33 11.25 12.19
#